data_1MZJ
#
_entry.id   1MZJ
#
_cell.length_a   96.000
_cell.length_b   96.000
_cell.length_c   72.600
_cell.angle_alpha   90.00
_cell.angle_beta   90.00
_cell.angle_gamma   120.00
#
_symmetry.space_group_name_H-M   'P 31'
#
loop_
_entity.id
_entity.type
_entity.pdbx_description
1 polymer 'Beta-ketoacylsynthase III'
2 non-polymer 'COENZYME A'
3 non-polymer 'ACETYL GROUP'
4 water water
#
_entity_poly.entity_id   1
_entity_poly.type   'polypeptide(L)'
_entity_poly.pdbx_seq_one_letter_code
;MPGLRVPERRFSRVLGVGSYRPRREVSNKEVCTWIDSTEEWIETRTGIRSRRIAEPDETIQVMGVAASRRALEHAGVDPA
EIDLVVVSTMTNFVHTPPLSVAIAHELGADNAGGFDLSAACAGFCHALSIAADAVESGGSRHVLVVATERMTDVIDLADR
SLSFLFGDGAGAAVVGPSDVPGIGPVVRGIDGTGLGSLHMSSSWDQYVEDPSVGRPALVMDGKRVFRWAVADVVPAAREA
LEVAGLTVGDLVAFVPHQANLRIIDVLVDRLGVPEHVVVSRDAEDTGNTSSASVALALDRLVRSGAVPGGGPALMIGFGA
GLSYAGQALLLPDPPSTPA
;
_entity_poly.pdbx_strand_id   A,B
#
# COMPACT_ATOMS: atom_id res chain seq x y z
N GLY A 3 -0.20 16.42 -17.04
CA GLY A 3 -1.10 16.69 -18.16
C GLY A 3 -2.16 17.73 -17.78
N LEU A 4 -2.51 18.58 -18.77
CA LEU A 4 -3.51 19.61 -18.52
C LEU A 4 -4.90 19.18 -19.01
N ARG A 5 -5.80 18.96 -18.05
CA ARG A 5 -7.15 18.53 -18.41
C ARG A 5 -8.05 18.41 -17.19
N VAL A 6 -8.97 19.35 -16.87
CA VAL A 6 -9.71 19.24 -15.63
C VAL A 6 -10.86 18.23 -15.75
N PRO A 7 -10.63 17.04 -15.18
CA PRO A 7 -11.65 16.00 -15.13
C PRO A 7 -12.77 16.38 -14.17
N GLU A 8 -13.82 15.58 -14.22
CA GLU A 8 -15.04 15.85 -13.53
C GLU A 8 -15.03 15.09 -12.22
N ARG A 9 -15.19 15.84 -11.14
CA ARG A 9 -15.19 15.25 -9.81
C ARG A 9 -16.60 14.80 -9.44
N ARG A 10 -16.68 13.87 -8.50
CA ARG A 10 -17.97 13.46 -7.99
C ARG A 10 -17.72 13.29 -6.51
N PHE A 11 -18.73 12.82 -5.80
CA PHE A 11 -18.64 12.57 -4.37
C PHE A 11 -18.66 11.05 -4.23
N SER A 12 -18.29 10.49 -3.08
CA SER A 12 -18.37 9.04 -3.00
C SER A 12 -18.93 8.59 -1.64
N ARG A 13 -19.32 7.33 -1.56
CA ARG A 13 -19.75 6.79 -0.28
C ARG A 13 -19.51 5.30 -0.32
N VAL A 14 -19.58 4.66 0.85
CA VAL A 14 -19.57 3.20 0.94
C VAL A 14 -20.93 2.60 0.53
N LEU A 15 -20.96 1.80 -0.53
CA LEU A 15 -22.14 1.20 -1.08
C LEU A 15 -22.37 -0.23 -0.55
N GLY A 16 -21.33 -0.94 -0.11
CA GLY A 16 -21.55 -2.29 0.41
C GLY A 16 -20.39 -2.74 1.29
N VAL A 17 -20.66 -3.66 2.21
CA VAL A 17 -19.65 -4.12 3.12
C VAL A 17 -19.78 -5.62 3.22
N GLY A 18 -18.68 -6.33 3.51
CA GLY A 18 -18.73 -7.77 3.60
C GLY A 18 -17.64 -8.26 4.51
N SER A 19 -17.72 -9.53 4.86
CA SER A 19 -16.74 -10.14 5.75
C SER A 19 -16.67 -11.63 5.64
N TYR A 20 -15.58 -12.16 6.19
CA TYR A 20 -15.34 -13.58 6.25
C TYR A 20 -14.76 -13.81 7.61
N ARG A 21 -15.44 -14.67 8.37
CA ARG A 21 -15.04 -14.99 9.71
C ARG A 21 -14.71 -16.48 9.75
N PRO A 22 -13.44 -16.83 10.02
CA PRO A 22 -13.04 -18.24 10.09
C PRO A 22 -14.03 -19.07 10.92
N ARG A 23 -14.31 -20.29 10.44
CA ARG A 23 -15.26 -21.19 11.08
C ARG A 23 -14.97 -21.63 12.50
N ARG A 24 -13.70 -21.67 12.85
CA ARG A 24 -13.26 -22.13 14.16
C ARG A 24 -13.27 -21.06 15.24
N GLU A 25 -14.13 -21.21 16.23
CA GLU A 25 -14.18 -20.30 17.35
C GLU A 25 -13.32 -20.92 18.47
N VAL A 26 -12.54 -20.07 19.13
CA VAL A 26 -11.62 -20.47 20.20
C VAL A 26 -11.93 -19.64 21.44
N SER A 27 -12.44 -20.30 22.47
CA SER A 27 -12.83 -19.63 23.74
C SER A 27 -11.57 -19.31 24.54
N ASN A 28 -11.69 -18.48 25.58
CA ASN A 28 -10.54 -18.19 26.44
C ASN A 28 -10.06 -19.51 27.09
N LYS A 29 -11.01 -20.33 27.53
CA LYS A 29 -10.66 -21.64 28.11
C LYS A 29 -9.66 -22.40 27.23
N GLU A 30 -9.92 -22.50 25.93
CA GLU A 30 -8.97 -23.20 25.05
C GLU A 30 -7.65 -22.45 24.99
N VAL A 31 -7.73 -21.12 25.05
CA VAL A 31 -6.52 -20.30 25.02
C VAL A 31 -5.66 -20.66 26.19
N CYS A 32 -6.27 -20.72 27.37
CA CYS A 32 -5.56 -21.04 28.57
C CYS A 32 -4.91 -22.43 28.63
N THR A 33 -5.07 -23.23 27.58
CA THR A 33 -4.45 -24.53 27.56
C THR A 33 -3.25 -24.41 26.68
N TRP A 34 -2.96 -23.18 26.22
CA TRP A 34 -1.82 -22.89 25.37
C TRP A 34 -0.84 -22.01 26.13
N ILE A 35 -1.30 -21.41 27.20
CA ILE A 35 -0.44 -20.52 27.96
C ILE A 35 -0.87 -20.50 29.39
N ASP A 36 0.04 -20.08 30.25
CA ASP A 36 -0.23 -20.00 31.66
C ASP A 36 -1.05 -18.74 31.94
N SER A 37 -2.37 -18.89 31.97
CA SER A 37 -3.25 -17.76 32.19
C SER A 37 -4.62 -18.27 32.61
N THR A 38 -5.57 -17.36 32.86
CA THR A 38 -6.94 -17.70 33.20
C THR A 38 -7.98 -16.95 32.34
N GLU A 39 -9.21 -17.48 32.24
CA GLU A 39 -10.23 -16.76 31.50
C GLU A 39 -10.54 -15.40 32.13
N GLU A 40 -10.61 -15.40 33.48
CA GLU A 40 -10.89 -14.15 34.19
C GLU A 40 -9.88 -13.06 33.81
N TRP A 41 -8.59 -13.43 33.84
CA TRP A 41 -7.55 -12.45 33.53
C TRP A 41 -7.69 -11.88 32.11
N ILE A 42 -7.90 -12.80 31.15
CA ILE A 42 -7.99 -12.37 29.76
C ILE A 42 -9.15 -11.41 29.53
N GLU A 43 -10.33 -11.79 30.04
CA GLU A 43 -11.51 -10.97 29.85
C GLU A 43 -11.38 -9.62 30.56
N THR A 44 -10.81 -9.68 31.78
CA THR A 44 -10.68 -8.45 32.56
C THR A 44 -9.71 -7.45 31.90
N ARG A 45 -8.63 -8.01 31.33
CA ARG A 45 -7.62 -7.15 30.70
C ARG A 45 -8.00 -6.80 29.26
N THR A 46 -8.78 -7.61 28.56
CA THR A 46 -9.04 -7.28 27.17
C THR A 46 -10.49 -7.19 26.79
N GLY A 47 -11.39 -7.86 27.52
CA GLY A 47 -12.80 -7.85 27.21
C GLY A 47 -13.10 -9.00 26.27
N ILE A 48 -12.06 -9.62 25.75
CA ILE A 48 -12.28 -10.72 24.83
C ILE A 48 -12.75 -12.02 25.57
N ARG A 49 -13.77 -12.71 25.01
CA ARG A 49 -14.29 -13.97 25.57
C ARG A 49 -13.99 -15.09 24.61
N SER A 50 -13.76 -14.74 23.33
CA SER A 50 -13.52 -15.75 22.30
C SER A 50 -13.02 -15.06 21.04
N ARG A 51 -12.39 -15.82 20.16
CA ARG A 51 -11.89 -15.25 18.91
C ARG A 51 -11.94 -16.33 17.86
N ARG A 52 -11.82 -15.94 16.59
CA ARG A 52 -11.78 -16.93 15.52
C ARG A 52 -10.39 -17.06 14.97
N ILE A 53 -9.93 -18.30 14.84
CA ILE A 53 -8.61 -18.61 14.34
C ILE A 53 -8.74 -19.34 13.00
N ALA A 54 -8.06 -18.83 12.00
CA ALA A 54 -8.14 -19.38 10.67
C ALA A 54 -7.53 -20.81 10.53
N GLU A 55 -8.21 -21.67 9.79
CA GLU A 55 -7.67 -22.99 9.57
C GLU A 55 -6.76 -22.94 8.33
N PRO A 56 -6.00 -24.01 8.05
CA PRO A 56 -5.12 -24.04 6.89
C PRO A 56 -5.70 -23.64 5.55
N ASP A 57 -6.92 -24.06 5.26
CA ASP A 57 -7.60 -23.70 4.02
C ASP A 57 -8.02 -22.19 3.92
N GLU A 58 -8.19 -21.50 5.06
CA GLU A 58 -8.63 -20.08 5.11
C GLU A 58 -7.43 -19.15 5.08
N THR A 59 -6.85 -19.02 3.89
CA THR A 59 -5.69 -18.18 3.67
C THR A 59 -6.20 -16.75 3.45
N ILE A 60 -5.33 -15.78 3.63
CA ILE A 60 -5.76 -14.39 3.44
C ILE A 60 -6.38 -14.15 2.08
N GLN A 61 -6.04 -14.97 1.10
CA GLN A 61 -6.64 -14.71 -0.20
C GLN A 61 -8.06 -15.24 -0.24
N VAL A 62 -8.26 -16.39 0.41
CA VAL A 62 -9.59 -16.99 0.45
C VAL A 62 -10.50 -16.04 1.23
N MET A 63 -10.03 -15.63 2.42
CA MET A 63 -10.79 -14.72 3.27
C MET A 63 -11.11 -13.43 2.52
N GLY A 64 -10.12 -12.87 1.83
CA GLY A 64 -10.31 -11.63 1.07
C GLY A 64 -11.36 -11.72 -0.01
N VAL A 65 -11.31 -12.81 -0.78
CA VAL A 65 -12.28 -13.03 -1.88
C VAL A 65 -13.69 -13.11 -1.31
N ALA A 66 -13.90 -13.99 -0.35
CA ALA A 66 -15.21 -14.17 0.25
C ALA A 66 -15.79 -12.85 0.83
N ALA A 67 -15.01 -12.15 1.66
CA ALA A 67 -15.45 -10.83 2.17
C ALA A 67 -15.77 -9.92 0.99
N SER A 68 -14.93 -9.92 -0.05
CA SER A 68 -15.21 -9.04 -1.21
C SER A 68 -16.57 -9.37 -1.93
N ARG A 69 -16.86 -10.66 -2.11
CA ARG A 69 -18.09 -11.05 -2.79
C ARG A 69 -19.29 -10.62 -1.93
N ARG A 70 -19.16 -10.66 -0.60
CA ARG A 70 -20.28 -10.19 0.23
C ARG A 70 -20.49 -8.68 0.01
N ALA A 71 -19.39 -7.94 -0.09
CA ALA A 71 -19.50 -6.48 -0.23
C ALA A 71 -20.13 -6.14 -1.58
N LEU A 72 -19.59 -6.74 -2.64
CA LEU A 72 -20.10 -6.59 -4.02
C LEU A 72 -21.61 -6.97 -4.06
N GLU A 73 -21.95 -8.14 -3.51
CA GLU A 73 -23.36 -8.58 -3.43
C GLU A 73 -24.20 -7.45 -2.79
N HIS A 74 -23.77 -7.01 -1.59
CA HIS A 74 -24.44 -5.93 -0.87
C HIS A 74 -24.56 -4.66 -1.73
N ALA A 75 -23.48 -4.28 -2.43
CA ALA A 75 -23.54 -3.06 -3.23
C ALA A 75 -24.28 -3.21 -4.56
N GLY A 76 -24.47 -4.46 -5.00
CA GLY A 76 -25.12 -4.71 -6.29
C GLY A 76 -24.15 -4.24 -7.37
N VAL A 77 -22.88 -4.51 -7.18
CA VAL A 77 -21.87 -4.08 -8.14
C VAL A 77 -21.23 -5.31 -8.69
N ASP A 78 -21.00 -5.28 -10.00
CA ASP A 78 -20.38 -6.41 -10.70
C ASP A 78 -18.87 -6.32 -10.69
N PRO A 79 -18.20 -7.45 -10.50
CA PRO A 79 -16.73 -7.44 -10.49
C PRO A 79 -16.17 -6.65 -11.69
N ALA A 80 -16.82 -6.78 -12.84
CA ALA A 80 -16.39 -6.09 -14.05
C ALA A 80 -16.43 -4.59 -13.86
N GLU A 81 -17.28 -4.11 -13.00
CA GLU A 81 -17.39 -2.68 -12.74
C GLU A 81 -16.27 -2.12 -11.80
N ILE A 82 -15.46 -3.00 -11.23
CA ILE A 82 -14.40 -2.56 -10.30
C ILE A 82 -13.19 -2.00 -11.01
N ASP A 83 -12.85 -0.75 -10.66
CA ASP A 83 -11.69 -0.10 -11.24
C ASP A 83 -10.37 -0.25 -10.50
N LEU A 84 -10.46 -0.50 -9.19
CA LEU A 84 -9.29 -0.65 -8.32
C LEU A 84 -9.60 -1.63 -7.18
N VAL A 85 -8.59 -2.39 -6.78
CA VAL A 85 -8.69 -3.35 -5.68
C VAL A 85 -7.51 -3.01 -4.82
N VAL A 86 -7.79 -2.61 -3.58
CA VAL A 86 -6.73 -2.26 -2.63
C VAL A 86 -6.81 -3.31 -1.52
N VAL A 87 -5.70 -3.99 -1.30
CA VAL A 87 -5.74 -5.00 -0.23
C VAL A 87 -4.83 -4.61 0.92
N SER A 88 -5.44 -4.53 2.13
CA SER A 88 -4.66 -4.20 3.31
C SER A 88 -4.34 -5.46 4.13
N THR A 89 -3.04 -5.65 4.39
CA THR A 89 -2.63 -6.83 5.15
C THR A 89 -1.16 -6.76 5.56
N MET A 90 -0.88 -7.29 6.76
CA MET A 90 0.50 -7.32 7.23
C MET A 90 0.97 -8.75 7.52
N THR A 91 0.12 -9.72 7.11
CA THR A 91 0.46 -11.12 7.33
C THR A 91 0.63 -11.88 6.01
N ASN A 92 1.26 -11.20 5.03
CA ASN A 92 1.47 -11.84 3.74
C ASN A 92 2.93 -12.28 3.57
N PHE A 93 3.11 -13.61 3.45
CA PHE A 93 4.46 -14.14 3.31
C PHE A 93 4.87 -14.24 1.84
N VAL A 94 4.23 -13.57 0.89
CA VAL A 94 4.62 -13.63 -0.50
C VAL A 94 4.93 -12.23 -1.02
N HIS A 95 6.21 -12.01 -1.35
CA HIS A 95 6.66 -10.69 -1.82
C HIS A 95 6.00 -10.18 -3.04
N THR A 96 5.62 -11.11 -3.92
CA THR A 96 5.02 -10.74 -5.18
C THR A 96 4.51 -12.00 -5.86
N PRO A 97 3.53 -11.86 -6.77
CA PRO A 97 2.89 -10.59 -7.16
C PRO A 97 1.88 -10.14 -6.05
N PRO A 98 1.33 -8.90 -6.15
CA PRO A 98 0.38 -8.35 -5.16
C PRO A 98 -0.83 -9.22 -4.88
N LEU A 99 -1.27 -9.28 -3.62
CA LEU A 99 -2.46 -10.09 -3.28
C LEU A 99 -3.69 -9.51 -4.02
N SER A 100 -3.73 -8.19 -4.04
CA SER A 100 -4.86 -7.51 -4.67
C SER A 100 -5.11 -8.01 -6.08
N VAL A 101 -4.04 -8.14 -6.87
CA VAL A 101 -4.16 -8.63 -8.25
C VAL A 101 -4.67 -10.05 -8.20
N ALA A 102 -4.08 -10.95 -7.40
CA ALA A 102 -4.60 -12.36 -7.29
C ALA A 102 -6.13 -12.34 -6.94
N ILE A 103 -6.51 -11.52 -5.94
CA ILE A 103 -7.92 -11.43 -5.55
C ILE A 103 -8.78 -10.86 -6.66
N ALA A 104 -8.33 -9.79 -7.32
CA ALA A 104 -9.10 -9.20 -8.39
C ALA A 104 -9.35 -10.21 -9.51
N HIS A 105 -8.38 -11.06 -9.78
CA HIS A 105 -8.53 -12.04 -10.85
C HIS A 105 -9.59 -13.09 -10.51
N GLU A 106 -9.43 -13.70 -9.33
CA GLU A 106 -10.38 -14.73 -8.91
C GLU A 106 -11.78 -14.16 -8.75
N LEU A 107 -11.84 -12.87 -8.39
CA LEU A 107 -13.14 -12.23 -8.20
C LEU A 107 -13.87 -12.04 -9.54
N GLY A 108 -13.08 -11.89 -10.62
CA GLY A 108 -13.76 -11.65 -11.89
C GLY A 108 -13.51 -10.24 -12.41
N ALA A 109 -12.97 -9.39 -11.51
CA ALA A 109 -12.69 -8.02 -11.90
C ALA A 109 -11.37 -7.89 -12.67
N ASP A 110 -11.42 -8.24 -13.96
CA ASP A 110 -10.22 -8.19 -14.78
C ASP A 110 -10.01 -6.82 -15.41
N ASN A 111 -11.00 -5.93 -15.16
CA ASN A 111 -10.90 -4.57 -15.70
C ASN A 111 -10.24 -3.62 -14.70
N ALA A 112 -9.81 -4.19 -13.56
CA ALA A 112 -9.18 -3.37 -12.54
C ALA A 112 -7.67 -3.63 -12.48
N GLY A 113 -7.01 -2.60 -11.92
CA GLY A 113 -5.70 -2.83 -11.38
C GLY A 113 -5.80 -2.95 -9.87
N GLY A 114 -4.63 -2.93 -9.20
CA GLY A 114 -4.68 -2.71 -7.77
C GLY A 114 -3.31 -2.97 -7.12
N PHE A 115 -3.23 -2.63 -5.82
CA PHE A 115 -1.95 -2.83 -5.12
C PHE A 115 -2.18 -3.15 -3.65
N ASP A 116 -1.17 -3.83 -3.05
CA ASP A 116 -1.30 -4.19 -1.64
C ASP A 116 -0.90 -3.03 -0.72
N LEU A 117 -1.65 -2.91 0.38
CA LEU A 117 -1.35 -1.85 1.34
C LEU A 117 -0.93 -2.44 2.70
N SER A 118 0.11 -1.81 3.28
CA SER A 118 0.60 -2.33 4.56
C SER A 118 0.84 -1.20 5.57
N ALA A 119 -0.10 -1.09 6.53
CA ALA A 119 0.03 -0.05 7.54
C ALA A 119 -0.47 -0.54 8.91
N ALA A 120 -0.06 -1.77 9.26
CA ALA A 120 -0.48 -2.33 10.53
C ALA A 120 -1.97 -2.11 10.79
N CYS A 121 -2.38 -1.81 12.01
CA CYS A 121 -3.81 -1.68 12.29
C CYS A 121 -4.60 -0.55 11.60
N ALA A 122 -3.86 0.40 11.02
CA ALA A 122 -4.50 1.53 10.35
C ALA A 122 -4.79 1.27 8.88
N GLY A 123 -4.41 0.08 8.42
CA GLY A 123 -4.56 -0.24 6.99
C GLY A 123 -5.90 -0.01 6.36
N PHE A 124 -6.98 -0.48 7.00
CA PHE A 124 -8.30 -0.32 6.38
C PHE A 124 -8.72 1.17 6.17
N CYS A 125 -8.44 2.00 7.18
CA CYS A 125 -8.77 3.41 7.06
C CYS A 125 -7.92 4.06 6.00
N HIS A 126 -6.64 3.73 5.92
CA HIS A 126 -5.86 4.36 4.83
C HIS A 126 -6.48 3.89 3.49
N ALA A 127 -6.84 2.60 3.37
CA ALA A 127 -7.35 2.12 2.06
C ALA A 127 -8.64 2.78 1.67
N LEU A 128 -9.48 3.01 2.66
CA LEU A 128 -10.75 3.63 2.41
C LEU A 128 -10.55 5.05 1.88
N SER A 129 -9.58 5.80 2.43
CA SER A 129 -9.39 7.18 1.98
C SER A 129 -8.82 7.15 0.56
N ILE A 130 -8.00 6.15 0.25
CA ILE A 130 -7.48 6.00 -1.16
C ILE A 130 -8.66 5.76 -2.14
N ALA A 131 -9.56 4.87 -1.74
CA ALA A 131 -10.74 4.55 -2.59
C ALA A 131 -11.67 5.78 -2.79
N ALA A 132 -11.95 6.47 -1.68
CA ALA A 132 -12.81 7.65 -1.73
C ALA A 132 -12.17 8.66 -2.66
N ASP A 133 -10.88 8.95 -2.46
CA ASP A 133 -10.15 9.90 -3.32
C ASP A 133 -10.18 9.42 -4.77
N ALA A 134 -9.86 8.15 -5.02
CA ALA A 134 -9.89 7.68 -6.41
C ALA A 134 -11.28 7.94 -7.04
N VAL A 135 -12.36 7.60 -6.35
CA VAL A 135 -13.69 7.79 -6.91
C VAL A 135 -14.05 9.26 -7.12
N GLU A 136 -13.75 10.07 -6.11
CA GLU A 136 -14.03 11.47 -6.13
C GLU A 136 -13.22 12.23 -7.17
N SER A 137 -12.05 11.70 -7.52
CA SER A 137 -11.19 12.36 -8.50
C SER A 137 -11.75 12.22 -9.92
N GLY A 138 -12.67 11.29 -10.12
CA GLY A 138 -13.25 11.10 -11.43
C GLY A 138 -12.55 9.98 -12.17
N GLY A 139 -11.34 9.62 -11.74
CA GLY A 139 -10.61 8.58 -12.45
C GLY A 139 -11.04 7.14 -12.26
N SER A 140 -11.82 6.86 -11.23
CA SER A 140 -12.30 5.51 -10.99
C SER A 140 -13.76 5.69 -10.61
N ARG A 141 -14.58 4.68 -10.87
CA ARG A 141 -15.98 4.79 -10.50
C ARG A 141 -16.32 3.91 -9.30
N HIS A 142 -15.78 2.70 -9.26
CA HIS A 142 -16.01 1.79 -8.16
C HIS A 142 -14.68 1.22 -7.75
N VAL A 143 -14.44 1.22 -6.44
CA VAL A 143 -13.22 0.71 -5.86
C VAL A 143 -13.51 -0.33 -4.81
N LEU A 144 -12.70 -1.39 -4.79
CA LEU A 144 -12.93 -2.45 -3.78
C LEU A 144 -11.83 -2.43 -2.77
N VAL A 145 -12.20 -2.33 -1.50
CA VAL A 145 -11.14 -2.32 -0.48
C VAL A 145 -11.28 -3.58 0.37
N VAL A 146 -10.18 -4.29 0.55
CA VAL A 146 -10.20 -5.50 1.32
C VAL A 146 -9.08 -5.49 2.37
N ALA A 147 -9.44 -5.81 3.63
CA ALA A 147 -8.49 -5.96 4.68
C ALA A 147 -8.56 -7.39 5.11
N THR A 148 -7.46 -8.14 4.98
CA THR A 148 -7.50 -9.57 5.29
C THR A 148 -6.26 -9.97 6.07
N GLU A 149 -6.46 -10.70 7.16
CA GLU A 149 -5.37 -11.01 8.01
C GLU A 149 -5.36 -12.32 8.73
N ARG A 150 -4.17 -12.84 8.90
CA ARG A 150 -4.01 -14.02 9.71
C ARG A 150 -2.97 -13.58 10.76
N MET A 151 -3.43 -12.85 11.79
CA MET A 151 -2.53 -12.37 12.85
C MET A 151 -1.90 -13.59 13.55
N THR A 152 -2.65 -14.68 13.51
CA THR A 152 -2.17 -15.94 14.07
C THR A 152 -0.85 -16.42 13.42
N ASP A 153 -0.60 -16.03 12.18
CA ASP A 153 0.62 -16.41 11.45
C ASP A 153 1.85 -15.63 11.93
N VAL A 154 1.65 -14.59 12.74
CA VAL A 154 2.81 -13.82 13.17
C VAL A 154 2.85 -13.66 14.69
N ILE A 155 2.03 -14.42 15.40
CA ILE A 155 2.04 -14.52 16.85
C ILE A 155 2.43 -15.98 17.20
N ASP A 156 3.06 -16.23 18.39
CA ASP A 156 3.53 -17.53 18.80
C ASP A 156 2.37 -18.47 19.14
N LEU A 157 1.46 -17.94 19.98
CA LEU A 157 0.31 -18.75 20.39
C LEU A 157 0.53 -19.40 21.76
N ALA A 158 1.81 -19.52 22.13
CA ALA A 158 2.35 -20.04 23.38
C ALA A 158 2.92 -18.93 24.26
N ASP A 159 3.27 -17.81 23.60
CA ASP A 159 3.72 -16.63 24.34
C ASP A 159 2.57 -16.05 25.16
N ARG A 160 2.80 -15.95 26.49
CA ARG A 160 1.76 -15.42 27.35
C ARG A 160 1.42 -13.97 27.01
N SER A 161 2.24 -13.20 26.25
CA SER A 161 2.11 -11.75 26.26
C SER A 161 0.98 -11.18 25.36
N LEU A 162 0.69 -11.89 24.21
CA LEU A 162 -0.30 -11.37 23.27
C LEU A 162 -1.12 -12.43 22.55
N SER A 163 -0.92 -13.72 22.95
CA SER A 163 -1.51 -14.81 22.19
C SER A 163 -3.04 -14.82 22.32
N PHE A 164 -3.52 -14.08 23.34
CA PHE A 164 -4.95 -14.07 23.58
C PHE A 164 -5.60 -12.78 23.07
N LEU A 165 -4.87 -12.10 22.15
CA LEU A 165 -5.35 -10.80 21.69
C LEU A 165 -5.81 -10.84 20.23
N PHE A 166 -5.10 -11.65 19.41
CA PHE A 166 -5.41 -11.70 17.99
C PHE A 166 -6.29 -12.90 17.65
N GLY A 167 -6.98 -12.55 16.57
CA GLY A 167 -7.80 -13.45 15.77
C GLY A 167 -7.52 -13.15 14.29
N ASP A 168 -8.13 -13.95 13.41
CA ASP A 168 -7.96 -13.83 11.96
C ASP A 168 -9.30 -13.54 11.30
N GLY A 169 -9.25 -13.08 10.06
CA GLY A 169 -10.50 -12.79 9.39
C GLY A 169 -10.35 -11.68 8.33
N ALA A 170 -11.38 -11.41 7.54
CA ALA A 170 -11.23 -10.38 6.54
C ALA A 170 -12.53 -9.60 6.48
N GLY A 171 -12.42 -8.38 5.99
CA GLY A 171 -13.60 -7.54 5.89
C GLY A 171 -13.41 -6.72 4.64
N ALA A 172 -14.47 -6.32 3.97
CA ALA A 172 -14.30 -5.58 2.74
C ALA A 172 -15.39 -4.53 2.61
N ALA A 173 -15.16 -3.62 1.67
CA ALA A 173 -16.09 -2.53 1.38
C ALA A 173 -15.98 -2.04 -0.05
N VAL A 174 -17.13 -1.73 -0.61
CA VAL A 174 -17.15 -1.22 -1.96
C VAL A 174 -17.49 0.24 -1.91
N VAL A 175 -16.69 1.05 -2.58
CA VAL A 175 -17.10 2.45 -2.59
C VAL A 175 -17.29 2.95 -4.02
N GLY A 176 -18.36 3.76 -4.09
CA GLY A 176 -18.78 4.26 -5.38
C GLY A 176 -19.32 5.68 -5.35
N PRO A 177 -19.84 6.16 -6.49
CA PRO A 177 -20.37 7.52 -6.55
C PRO A 177 -21.56 7.73 -5.61
N SER A 178 -21.64 8.95 -5.09
CA SER A 178 -22.71 9.44 -4.22
C SER A 178 -22.99 10.88 -4.70
N ASP A 179 -24.21 11.37 -4.46
CA ASP A 179 -24.65 12.74 -4.82
C ASP A 179 -24.12 13.77 -3.84
N VAL A 180 -23.84 13.33 -2.63
CA VAL A 180 -23.29 14.21 -1.60
C VAL A 180 -22.09 13.54 -0.95
N PRO A 181 -21.21 14.36 -0.36
CA PRO A 181 -20.06 13.74 0.25
C PRO A 181 -20.47 12.67 1.26
N GLY A 182 -20.03 11.44 0.98
CA GLY A 182 -20.35 10.32 1.87
C GLY A 182 -19.17 9.79 2.67
N ILE A 183 -17.98 10.32 2.44
CA ILE A 183 -16.79 9.93 3.20
C ILE A 183 -15.94 11.14 3.60
N GLY A 184 -15.78 11.38 4.90
CA GLY A 184 -15.00 12.55 5.30
C GLY A 184 -13.52 12.45 4.99
N PRO A 185 -12.81 13.56 5.16
CA PRO A 185 -11.37 13.60 4.91
C PRO A 185 -10.69 12.65 5.95
N VAL A 186 -9.58 12.00 5.58
CA VAL A 186 -8.89 11.10 6.46
C VAL A 186 -7.93 11.91 7.34
N VAL A 187 -7.74 11.44 8.57
CA VAL A 187 -6.79 12.07 9.45
C VAL A 187 -5.81 10.94 9.74
N ARG A 188 -4.54 11.26 9.89
CA ARG A 188 -3.60 10.19 10.14
C ARG A 188 -2.37 10.82 10.73
N GLY A 189 -1.64 10.06 11.52
CA GLY A 189 -0.45 10.60 12.14
C GLY A 189 0.37 9.48 12.72
N ILE A 190 1.54 9.87 13.24
CA ILE A 190 2.44 8.90 13.78
C ILE A 190 3.13 9.38 15.04
N ASP A 191 3.79 8.42 15.67
CA ASP A 191 4.66 8.67 16.78
C ASP A 191 5.78 7.67 16.58
N GLY A 192 6.77 8.09 15.79
CA GLY A 192 7.95 7.27 15.50
C GLY A 192 8.81 6.86 16.70
N THR A 193 8.80 7.61 17.81
CA THR A 193 9.59 7.18 18.97
C THR A 193 9.00 5.90 19.51
N GLY A 194 7.82 5.52 19.00
CA GLY A 194 7.18 4.30 19.47
C GLY A 194 7.43 3.06 18.65
N LEU A 195 8.45 3.10 17.79
CA LEU A 195 8.80 1.95 16.98
C LEU A 195 9.16 0.74 17.87
N GLY A 196 9.82 0.98 19.01
CA GLY A 196 10.21 -0.12 19.87
C GLY A 196 9.13 -0.70 20.73
N SER A 197 7.93 -0.11 20.69
CA SER A 197 6.81 -0.64 21.51
C SER A 197 5.96 -1.67 20.75
N LEU A 198 6.20 -1.83 19.45
CA LEU A 198 5.40 -2.77 18.69
C LEU A 198 6.19 -3.04 17.42
N HIS A 199 6.80 -4.22 17.31
CA HIS A 199 7.63 -4.54 16.14
C HIS A 199 7.75 -6.09 16.04
N MET A 200 8.55 -6.55 15.09
CA MET A 200 8.75 -7.99 14.88
C MET A 200 9.98 -8.51 15.65
N SER A 201 9.88 -9.72 16.19
CA SER A 201 10.98 -10.38 16.90
C SER A 201 12.24 -10.44 16.00
N SER A 202 12.04 -10.49 14.68
CA SER A 202 13.12 -10.52 13.70
C SER A 202 12.57 -10.32 12.29
N SER A 203 13.46 -10.10 11.33
CA SER A 203 13.08 -10.02 9.93
C SER A 203 13.39 -11.38 9.25
N TRP A 204 12.83 -11.63 8.07
CA TRP A 204 13.08 -12.93 7.49
C TRP A 204 14.57 -13.13 7.21
N ASP A 205 15.26 -11.99 7.05
CA ASP A 205 16.68 -11.85 6.75
C ASP A 205 17.42 -12.48 7.90
N GLN A 206 17.10 -12.04 9.12
CA GLN A 206 17.72 -12.58 10.30
C GLN A 206 17.27 -14.02 10.58
N TYR A 207 16.13 -14.42 10.03
CA TYR A 207 15.66 -15.77 10.23
C TYR A 207 16.56 -16.68 9.41
N VAL A 208 16.77 -16.31 8.15
CA VAL A 208 17.50 -17.07 7.11
C VAL A 208 18.96 -17.31 7.51
N GLU A 209 19.39 -16.59 8.55
CA GLU A 209 20.83 -16.53 8.88
C GLU A 209 21.21 -17.34 10.12
N ASP A 210 20.17 -17.70 10.93
CA ASP A 210 20.37 -18.31 12.26
C ASP A 210 19.01 -18.75 12.83
N PRO A 211 18.79 -20.11 12.97
CA PRO A 211 17.86 -20.66 13.96
C PRO A 211 18.59 -21.15 15.22
N SER A 212 18.07 -20.85 16.46
CA SER A 212 16.83 -20.08 16.76
C SER A 212 16.93 -18.57 16.59
N VAL A 213 15.77 -17.95 16.68
CA VAL A 213 15.56 -16.60 16.18
C VAL A 213 14.05 -16.61 15.95
N GLY A 214 13.61 -17.84 15.62
CA GLY A 214 12.25 -18.14 15.21
C GLY A 214 11.82 -17.37 13.98
N ARG A 215 10.68 -17.78 13.43
CA ARG A 215 9.90 -16.97 12.49
C ARG A 215 9.47 -15.65 13.12
N PRO A 216 9.62 -14.57 12.34
CA PRO A 216 9.24 -13.24 12.79
C PRO A 216 7.89 -13.26 13.52
N ALA A 217 7.94 -12.88 14.80
CA ALA A 217 6.72 -12.88 15.61
C ALA A 217 6.46 -11.53 16.25
N LEU A 218 5.23 -11.13 16.59
CA LEU A 218 4.94 -9.77 17.03
C LEU A 218 5.28 -9.56 18.50
N VAL A 219 5.94 -8.42 18.78
CA VAL A 219 6.30 -8.11 20.16
C VAL A 219 6.01 -6.65 20.48
N MET A 220 5.17 -6.44 21.51
CA MET A 220 4.77 -5.07 21.83
C MET A 220 4.80 -4.80 23.33
N ASP A 221 4.64 -3.52 23.67
CA ASP A 221 4.62 -3.12 25.07
C ASP A 221 3.23 -2.70 25.53
N GLY A 222 2.39 -3.70 25.81
CA GLY A 222 1.05 -3.38 26.27
C GLY A 222 0.95 -1.91 26.65
N LYS A 223 1.52 -1.65 27.81
CA LYS A 223 1.27 -0.40 28.52
C LYS A 223 1.68 0.78 27.66
N ARG A 224 2.82 0.71 26.98
CA ARG A 224 3.21 1.85 26.14
C ARG A 224 2.21 2.16 25.04
N VAL A 225 1.74 1.10 24.35
CA VAL A 225 0.77 1.24 23.24
C VAL A 225 -0.53 1.75 23.78
N PHE A 226 -0.97 1.18 24.90
CA PHE A 226 -2.22 1.64 25.47
C PHE A 226 -2.15 3.15 25.82
N ARG A 227 -1.07 3.58 26.46
CA ARG A 227 -0.92 4.98 26.85
C ARG A 227 -0.88 5.92 25.63
N TRP A 228 -0.12 5.53 24.62
CA TRP A 228 -0.08 6.36 23.43
C TRP A 228 -1.50 6.42 22.79
N ALA A 229 -2.19 5.29 22.69
CA ALA A 229 -3.50 5.34 22.03
C ALA A 229 -4.45 6.31 22.75
N VAL A 230 -4.48 6.22 24.06
CA VAL A 230 -5.32 7.12 24.84
C VAL A 230 -4.92 8.59 24.65
N ALA A 231 -3.62 8.87 24.57
CA ALA A 231 -3.16 10.25 24.35
C ALA A 231 -3.35 10.81 22.91
N ASP A 232 -3.05 9.98 21.91
CA ASP A 232 -3.11 10.44 20.54
C ASP A 232 -4.34 10.09 19.77
N VAL A 233 -5.00 9.00 20.11
CA VAL A 233 -6.13 8.68 19.30
C VAL A 233 -7.37 9.42 19.71
N VAL A 234 -7.45 9.93 20.94
CA VAL A 234 -8.67 10.61 21.29
C VAL A 234 -8.73 11.93 20.53
N PRO A 235 -7.60 12.65 20.42
CA PRO A 235 -7.62 13.91 19.68
C PRO A 235 -7.79 13.65 18.17
N ALA A 236 -7.27 12.54 17.68
CA ALA A 236 -7.38 12.23 16.24
C ALA A 236 -8.84 11.95 15.92
N ALA A 237 -9.52 11.20 16.79
CA ALA A 237 -10.94 10.93 16.62
C ALA A 237 -11.74 12.26 16.52
N ARG A 238 -11.45 13.20 17.41
CA ARG A 238 -12.15 14.49 17.36
C ARG A 238 -11.81 15.25 16.09
N GLU A 239 -10.53 15.23 15.71
CA GLU A 239 -10.11 15.87 14.46
C GLU A 239 -10.89 15.25 13.28
N ALA A 240 -10.98 13.91 13.20
CA ALA A 240 -11.77 13.27 12.12
C ALA A 240 -13.20 13.79 12.01
N LEU A 241 -13.80 14.04 13.16
CA LEU A 241 -15.19 14.54 13.14
C LEU A 241 -15.15 15.98 12.63
N GLU A 242 -14.27 16.78 13.21
CA GLU A 242 -14.14 18.20 12.79
C GLU A 242 -13.89 18.44 11.30
N VAL A 243 -12.91 17.75 10.69
CA VAL A 243 -12.66 18.05 9.28
C VAL A 243 -13.77 17.58 8.42
N ALA A 244 -14.73 16.84 8.98
CA ALA A 244 -15.85 16.39 8.17
C ALA A 244 -17.07 17.24 8.48
N GLY A 245 -16.87 18.21 9.37
CA GLY A 245 -17.93 19.12 9.81
C GLY A 245 -18.94 18.45 10.74
N LEU A 246 -18.49 17.58 11.64
CA LEU A 246 -19.39 16.88 12.54
C LEU A 246 -18.89 17.05 13.95
N THR A 247 -19.79 16.87 14.91
CA THR A 247 -19.47 16.84 16.36
C THR A 247 -19.80 15.36 16.78
N VAL A 248 -19.39 14.93 17.98
CA VAL A 248 -19.58 13.53 18.32
C VAL A 248 -21.07 13.17 18.40
N GLY A 249 -21.89 14.20 18.72
CA GLY A 249 -23.33 13.97 18.83
C GLY A 249 -24.18 13.62 17.60
N ASP A 250 -23.80 14.13 16.45
CA ASP A 250 -24.36 13.66 15.18
C ASP A 250 -24.00 12.22 14.78
N LEU A 251 -23.32 11.46 15.64
CA LEU A 251 -22.79 10.14 15.39
C LEU A 251 -23.90 9.14 15.72
N VAL A 252 -23.96 8.06 14.93
CA VAL A 252 -24.94 7.03 15.20
C VAL A 252 -24.14 5.78 15.60
N ALA A 253 -22.88 5.82 15.13
CA ALA A 253 -21.96 4.74 15.47
C ALA A 253 -20.51 5.21 15.50
N PHE A 254 -19.75 4.42 16.26
CA PHE A 254 -18.31 4.63 16.48
C PHE A 254 -17.66 3.25 16.27
N VAL A 255 -16.74 3.20 15.30
CA VAL A 255 -16.10 1.95 14.94
C VAL A 255 -14.63 2.00 15.11
N PRO A 256 -14.21 1.86 16.38
CA PRO A 256 -12.77 1.91 16.57
C PRO A 256 -12.16 0.56 16.35
N HIS A 257 -10.89 0.57 15.94
CA HIS A 257 -10.11 -0.65 15.81
C HIS A 257 -10.31 -1.43 17.15
N GLN A 258 -10.44 -2.74 17.06
CA GLN A 258 -10.69 -3.54 18.25
C GLN A 258 -9.44 -4.01 18.95
N ALA A 259 -8.59 -3.08 19.39
CA ALA A 259 -7.34 -3.47 20.06
C ALA A 259 -7.72 -4.30 21.25
N ASN A 260 -8.75 -3.84 21.94
CA ASN A 260 -9.38 -4.46 23.10
C ASN A 260 -10.40 -3.49 23.72
N LEU A 261 -11.34 -4.04 24.46
CA LEU A 261 -12.43 -3.24 24.98
C LEU A 261 -12.03 -2.29 26.08
N ARG A 262 -10.99 -2.62 26.83
CA ARG A 262 -10.59 -1.67 27.88
C ARG A 262 -10.13 -0.35 27.25
N ILE A 263 -9.35 -0.39 26.16
CA ILE A 263 -8.92 0.87 25.50
C ILE A 263 -10.12 1.58 24.91
N ILE A 264 -10.99 0.80 24.26
CA ILE A 264 -12.18 1.36 23.65
C ILE A 264 -12.99 2.04 24.70
N ASP A 265 -13.14 1.44 25.87
CA ASP A 265 -13.90 2.04 26.98
C ASP A 265 -13.34 3.46 27.30
N VAL A 266 -12.01 3.58 27.34
CA VAL A 266 -11.39 4.89 27.65
C VAL A 266 -11.60 5.88 26.50
N LEU A 267 -11.46 5.37 25.28
CA LEU A 267 -11.68 6.23 24.13
C LEU A 267 -13.05 6.80 24.14
N VAL A 268 -14.05 5.94 24.38
CA VAL A 268 -15.44 6.38 24.42
C VAL A 268 -15.64 7.42 25.53
N ASP A 269 -15.10 7.12 26.71
CA ASP A 269 -15.17 8.08 27.83
C ASP A 269 -14.45 9.42 27.54
N ARG A 270 -13.18 9.35 27.16
CA ARG A 270 -12.40 10.58 26.93
C ARG A 270 -13.00 11.35 25.80
N LEU A 271 -13.48 10.63 24.79
CA LEU A 271 -14.06 11.29 23.61
C LEU A 271 -15.41 11.90 23.94
N GLY A 272 -16.10 11.40 24.97
CA GLY A 272 -17.42 11.96 25.29
C GLY A 272 -18.46 11.50 24.26
N VAL A 273 -18.42 10.24 23.86
CA VAL A 273 -19.37 9.73 22.86
C VAL A 273 -20.75 9.64 23.56
N PRO A 274 -21.74 10.37 23.04
CA PRO A 274 -23.08 10.35 23.65
C PRO A 274 -23.65 8.92 23.70
N GLU A 275 -24.58 8.74 24.62
CA GLU A 275 -25.24 7.48 24.93
C GLU A 275 -25.99 6.90 23.76
N HIS A 276 -26.49 7.73 22.84
CA HIS A 276 -27.23 7.16 21.73
C HIS A 276 -26.33 6.51 20.67
N VAL A 277 -25.00 6.68 20.76
CA VAL A 277 -24.20 6.06 19.67
C VAL A 277 -23.74 4.62 19.85
N VAL A 278 -24.01 3.80 18.86
CA VAL A 278 -23.61 2.37 18.95
C VAL A 278 -22.07 2.26 18.83
N VAL A 279 -21.41 1.64 19.82
CA VAL A 279 -19.95 1.51 19.78
C VAL A 279 -19.63 0.02 19.53
N SER A 280 -18.80 -0.24 18.50
CA SER A 280 -18.47 -1.62 18.14
C SER A 280 -17.63 -2.20 19.22
N ARG A 281 -18.03 -3.39 19.69
CA ARG A 281 -17.28 -4.02 20.72
C ARG A 281 -17.03 -5.43 20.27
N ASP A 282 -16.88 -5.62 18.97
CA ASP A 282 -16.68 -6.94 18.38
C ASP A 282 -15.53 -7.72 19.00
N ALA A 283 -14.48 -7.08 19.52
CA ALA A 283 -13.36 -7.81 20.15
C ALA A 283 -13.82 -8.94 21.08
N GLU A 284 -15.00 -8.76 21.67
CA GLU A 284 -15.53 -9.73 22.60
C GLU A 284 -15.60 -11.14 22.05
N ASP A 285 -15.85 -11.26 20.76
CA ASP A 285 -15.92 -12.57 20.14
C ASP A 285 -15.06 -12.67 18.87
N THR A 286 -14.36 -11.59 18.59
CA THR A 286 -13.53 -11.58 17.42
C THR A 286 -12.05 -11.44 17.79
N GLY A 287 -11.75 -10.91 18.98
CA GLY A 287 -10.37 -10.62 19.34
C GLY A 287 -9.91 -9.46 18.44
N ASN A 288 -8.61 -9.23 18.35
CA ASN A 288 -7.97 -8.20 17.53
C ASN A 288 -7.55 -8.83 16.20
N THR A 289 -8.05 -8.27 15.11
CA THR A 289 -7.70 -8.81 13.79
C THR A 289 -6.92 -7.81 12.96
N SER A 290 -6.22 -6.92 13.66
CA SER A 290 -5.35 -5.93 13.04
C SER A 290 -6.10 -5.08 12.00
N SER A 291 -5.58 -4.88 10.80
CA SER A 291 -6.31 -4.01 9.85
C SER A 291 -7.70 -4.50 9.45
N ALA A 292 -7.97 -5.77 9.66
CA ALA A 292 -9.30 -6.21 9.28
C ALA A 292 -10.30 -5.89 10.40
N SER A 293 -9.82 -5.34 11.52
CA SER A 293 -10.69 -5.07 12.68
C SER A 293 -11.89 -4.18 12.45
N VAL A 294 -11.60 -3.04 11.87
CA VAL A 294 -12.59 -2.05 11.57
C VAL A 294 -13.56 -2.55 10.47
N ALA A 295 -13.01 -3.23 9.45
CA ALA A 295 -13.82 -3.73 8.33
C ALA A 295 -14.77 -4.76 8.86
N LEU A 296 -14.29 -5.65 9.73
CA LEU A 296 -15.18 -6.62 10.22
C LEU A 296 -16.31 -5.98 11.08
N ALA A 297 -15.92 -5.03 11.94
CA ALA A 297 -16.83 -4.34 12.84
C ALA A 297 -17.83 -3.53 12.03
N LEU A 298 -17.37 -2.90 10.95
CA LEU A 298 -18.31 -2.14 10.09
C LEU A 298 -19.34 -3.08 9.43
N ASP A 299 -18.87 -4.19 8.86
CA ASP A 299 -19.79 -5.18 8.22
C ASP A 299 -20.81 -5.62 9.29
N ARG A 300 -20.33 -6.03 10.45
CA ARG A 300 -21.28 -6.46 11.50
C ARG A 300 -22.27 -5.35 11.92
N LEU A 301 -21.75 -4.14 12.03
CA LEU A 301 -22.59 -3.01 12.44
C LEU A 301 -23.76 -2.84 11.45
N VAL A 302 -23.40 -2.67 10.19
CA VAL A 302 -24.36 -2.46 9.12
C VAL A 302 -25.35 -3.60 9.00
N ARG A 303 -24.86 -4.83 9.10
CA ARG A 303 -25.76 -5.95 8.97
C ARG A 303 -26.54 -6.25 10.22
N SER A 304 -26.31 -5.52 11.32
CA SER A 304 -27.03 -5.85 12.53
C SER A 304 -28.44 -5.36 12.43
N GLY A 305 -28.65 -4.33 11.64
CA GLY A 305 -29.96 -3.70 11.61
C GLY A 305 -30.15 -2.71 12.80
N ALA A 306 -29.09 -2.40 13.59
CA ALA A 306 -29.21 -1.48 14.73
C ALA A 306 -29.24 -0.03 14.30
N VAL A 307 -28.60 0.26 13.17
CA VAL A 307 -28.52 1.64 12.68
C VAL A 307 -28.88 1.75 11.19
N PRO A 308 -29.51 2.87 10.80
CA PRO A 308 -29.98 3.26 9.48
C PRO A 308 -28.89 3.71 8.52
N GLY A 309 -29.19 3.55 7.22
CA GLY A 309 -28.27 3.95 6.18
C GLY A 309 -28.22 5.45 6.24
N GLY A 310 -27.13 6.07 5.77
CA GLY A 310 -27.05 7.50 5.84
C GLY A 310 -26.55 8.08 7.17
N GLY A 311 -26.59 7.28 8.24
CA GLY A 311 -26.13 7.81 9.53
C GLY A 311 -24.60 7.97 9.59
N PRO A 312 -24.09 9.04 10.21
CA PRO A 312 -22.65 9.31 10.34
C PRO A 312 -22.02 8.28 11.27
N ALA A 313 -20.88 7.73 10.87
CA ALA A 313 -20.11 6.79 11.67
C ALA A 313 -18.62 7.18 11.70
N LEU A 314 -18.03 7.06 12.89
CA LEU A 314 -16.62 7.39 13.03
C LEU A 314 -15.74 6.14 13.06
N MET A 315 -14.80 6.07 12.09
CA MET A 315 -13.90 4.94 12.03
C MET A 315 -12.44 5.37 12.19
N ILE A 316 -11.73 4.66 13.09
CA ILE A 316 -10.33 4.98 13.33
C ILE A 316 -9.52 3.74 13.69
N GLY A 317 -8.45 3.50 12.90
CA GLY A 317 -7.55 2.41 13.24
C GLY A 317 -6.23 2.97 13.81
N PHE A 318 -5.65 2.22 14.74
CA PHE A 318 -4.44 2.73 15.39
C PHE A 318 -3.53 1.61 15.89
N GLY A 319 -2.21 1.86 15.81
CA GLY A 319 -1.25 0.85 16.22
C GLY A 319 0.16 1.15 15.70
N ALA A 320 0.74 0.14 15.03
CA ALA A 320 2.12 0.27 14.58
C ALA A 320 2.31 1.39 13.56
N GLY A 321 3.36 2.19 13.80
CA GLY A 321 4.20 1.95 14.97
C GLY A 321 5.13 3.13 15.26
N LEU A 322 4.54 4.19 15.83
CA LEU A 322 3.11 4.18 16.08
C LEU A 322 2.36 5.05 15.07
N SER A 323 1.12 4.65 14.71
CA SER A 323 0.39 5.42 13.72
C SER A 323 -1.11 5.08 13.74
N TYR A 324 -1.86 5.97 13.10
CA TYR A 324 -3.29 5.81 13.11
C TYR A 324 -3.79 6.48 11.87
N ALA A 325 -5.03 6.14 11.48
CA ALA A 325 -5.71 6.74 10.34
C ALA A 325 -7.16 6.47 10.64
N GLY A 326 -7.96 7.47 10.35
CA GLY A 326 -9.39 7.36 10.59
C GLY A 326 -10.16 8.42 9.81
N GLN A 327 -11.50 8.27 9.74
CA GLN A 327 -12.37 9.23 9.04
C GLN A 327 -13.82 8.99 9.42
N ALA A 328 -14.65 10.01 9.17
CA ALA A 328 -16.09 9.86 9.38
C ALA A 328 -16.66 9.40 8.02
N LEU A 329 -17.84 8.80 8.02
CA LEU A 329 -18.49 8.39 6.79
C LEU A 329 -19.94 8.14 7.01
N LEU A 330 -20.69 8.20 5.93
CA LEU A 330 -22.12 7.94 5.99
C LEU A 330 -22.24 6.45 5.77
N LEU A 331 -23.02 5.79 6.62
CA LEU A 331 -23.19 4.35 6.53
C LEU A 331 -24.11 3.94 5.39
N PRO A 332 -23.90 2.77 4.83
CA PRO A 332 -24.74 2.13 3.84
C PRO A 332 -26.07 1.66 4.44
N ASP A 333 -27.14 1.58 3.66
CA ASP A 333 -28.35 0.92 4.13
C ASP A 333 -28.02 -0.52 4.37
N PRO A 334 -28.61 -1.11 5.42
CA PRO A 334 -28.34 -2.51 5.71
C PRO A 334 -28.90 -3.28 4.51
N PRO A 335 -28.34 -4.45 4.19
CA PRO A 335 -28.86 -5.21 3.06
C PRO A 335 -30.27 -5.81 3.23
N SER A 336 -30.68 -6.57 2.21
CA SER A 336 -31.97 -7.32 2.09
C SER A 336 -32.67 -7.03 0.76
N PRO B 2 -26.60 16.46 8.06
CA PRO B 2 -25.46 15.57 8.27
C PRO B 2 -25.02 14.92 6.96
N GLY B 3 -24.69 15.77 5.97
CA GLY B 3 -24.22 15.44 4.64
C GLY B 3 -22.73 15.76 4.49
N LEU B 4 -22.07 15.97 5.64
CA LEU B 4 -20.62 16.12 5.62
C LEU B 4 -20.21 17.50 5.09
N ARG B 5 -18.90 17.79 5.20
CA ARG B 5 -18.42 19.06 4.69
C ARG B 5 -18.01 18.94 3.21
N VAL B 6 -18.25 20.02 2.47
CA VAL B 6 -17.85 20.04 1.06
C VAL B 6 -16.40 20.51 0.89
N PRO B 7 -15.47 19.53 1.00
CA PRO B 7 -14.06 19.89 0.94
C PRO B 7 -13.73 20.65 -0.34
N GLU B 8 -12.74 21.57 -0.22
CA GLU B 8 -12.34 22.36 -1.37
C GLU B 8 -11.10 21.77 -2.05
N ARG B 9 -11.33 21.16 -3.23
CA ARG B 9 -10.22 20.56 -3.95
C ARG B 9 -9.18 21.61 -4.35
N ARG B 10 -8.56 21.25 -5.49
CA ARG B 10 -7.44 22.04 -5.98
C ARG B 10 -6.61 21.25 -7.00
N PHE B 11 -5.42 21.79 -7.31
CA PHE B 11 -4.55 21.10 -8.26
C PHE B 11 -3.20 20.77 -7.64
N SER B 12 -2.54 19.74 -8.21
CA SER B 12 -1.27 19.31 -7.66
C SER B 12 -0.30 18.86 -8.76
N ARG B 13 0.98 18.77 -8.37
CA ARG B 13 2.00 18.32 -9.31
C ARG B 13 3.33 18.10 -8.61
N VAL B 14 4.31 17.53 -9.31
CA VAL B 14 5.54 17.09 -8.67
C VAL B 14 6.37 18.35 -8.46
N LEU B 15 6.70 18.63 -7.21
CA LEU B 15 7.47 19.80 -6.86
C LEU B 15 8.94 19.52 -6.83
N GLY B 16 9.33 18.29 -6.49
CA GLY B 16 10.74 17.99 -6.39
C GLY B 16 11.01 16.51 -6.43
N VAL B 17 12.17 16.12 -6.97
CA VAL B 17 12.54 14.73 -7.07
C VAL B 17 13.92 14.52 -6.49
N GLY B 18 14.21 13.28 -6.12
CA GLY B 18 15.48 12.95 -5.52
C GLY B 18 15.78 11.47 -5.71
N SER B 19 16.93 11.02 -5.22
CA SER B 19 17.29 9.64 -5.39
C SER B 19 18.54 9.21 -4.65
N TYR B 20 18.70 7.90 -4.54
CA TYR B 20 19.86 7.29 -3.93
C TYR B 20 20.31 6.15 -4.81
N ARG B 21 21.59 6.16 -5.15
CA ARG B 21 22.17 5.14 -6.02
C ARG B 21 23.30 4.46 -5.27
N PRO B 22 23.18 3.12 -5.02
CA PRO B 22 24.22 2.38 -4.30
C PRO B 22 25.64 2.71 -4.82
N ARG B 23 26.59 2.84 -3.89
CA ARG B 23 27.95 3.20 -4.29
C ARG B 23 28.68 2.16 -5.12
N ARG B 24 28.45 0.88 -4.83
CA ARG B 24 29.09 -0.20 -5.58
C ARG B 24 28.50 -0.48 -6.95
N GLU B 25 29.22 -0.13 -8.01
CA GLU B 25 28.75 -0.42 -9.36
C GLU B 25 29.24 -1.82 -9.75
N VAL B 26 28.46 -2.53 -10.56
CA VAL B 26 28.85 -3.89 -10.97
C VAL B 26 28.65 -4.06 -12.48
N SER B 27 29.77 -4.16 -13.21
CA SER B 27 29.75 -4.32 -14.66
C SER B 27 29.36 -5.74 -15.01
N ASN B 28 28.92 -5.96 -16.24
CA ASN B 28 28.54 -7.29 -16.70
C ASN B 28 29.71 -8.28 -16.52
N LYS B 29 30.93 -7.77 -16.60
CA LYS B 29 32.09 -8.65 -16.45
C LYS B 29 32.08 -9.28 -15.06
N GLU B 30 31.78 -8.48 -14.04
CA GLU B 30 31.73 -9.01 -12.68
C GLU B 30 30.52 -9.95 -12.50
N VAL B 31 29.44 -9.68 -13.21
CA VAL B 31 28.24 -10.50 -13.14
C VAL B 31 28.52 -11.89 -13.73
N CYS B 32 29.35 -11.93 -14.77
CA CYS B 32 29.69 -13.19 -15.41
C CYS B 32 30.58 -14.06 -14.54
N THR B 33 30.99 -13.53 -13.40
CA THR B 33 31.83 -14.29 -12.48
C THR B 33 30.96 -15.03 -11.46
N TRP B 34 29.68 -14.68 -11.43
CA TRP B 34 28.71 -15.31 -10.53
C TRP B 34 27.96 -16.40 -11.28
N ILE B 35 27.57 -16.06 -12.51
CA ILE B 35 26.84 -16.97 -13.40
C ILE B 35 27.72 -17.42 -14.57
N ASP B 36 27.12 -18.20 -15.47
CA ASP B 36 27.83 -18.67 -16.65
C ASP B 36 27.33 -17.84 -17.82
N SER B 37 27.87 -16.63 -17.99
CA SER B 37 27.40 -15.79 -19.07
C SER B 37 28.53 -15.07 -19.76
N THR B 38 28.16 -14.16 -20.65
CA THR B 38 29.11 -13.38 -21.42
C THR B 38 28.60 -11.96 -21.57
N GLU B 39 29.42 -11.00 -21.17
CA GLU B 39 29.15 -9.56 -21.11
C GLU B 39 28.32 -9.11 -22.31
N GLU B 40 28.17 -10.05 -23.25
CA GLU B 40 27.82 -9.60 -24.64
C GLU B 40 26.39 -9.97 -24.92
N TRP B 41 26.00 -11.01 -24.19
CA TRP B 41 24.63 -11.50 -24.00
C TRP B 41 23.84 -10.56 -23.10
N ILE B 42 24.51 -10.16 -22.00
CA ILE B 42 23.91 -9.18 -21.11
C ILE B 42 24.13 -7.77 -21.65
N GLU B 43 23.30 -7.39 -22.64
CA GLU B 43 23.51 -6.11 -23.29
C GLU B 43 22.76 -6.04 -24.62
N THR B 44 22.96 -7.04 -25.46
CA THR B 44 22.20 -7.13 -26.70
C THR B 44 20.78 -7.62 -26.45
N ARG B 45 20.59 -8.30 -25.32
CA ARG B 45 19.29 -8.87 -24.94
C ARG B 45 18.53 -8.01 -23.96
N THR B 46 19.26 -7.53 -22.98
CA THR B 46 18.70 -6.70 -21.94
C THR B 46 19.05 -5.28 -22.36
N GLY B 47 20.33 -4.94 -22.26
CA GLY B 47 20.80 -3.62 -22.61
C GLY B 47 21.62 -3.03 -21.48
N ILE B 48 21.86 -3.83 -20.46
CA ILE B 48 22.60 -3.39 -19.29
C ILE B 48 24.10 -3.56 -19.45
N ARG B 49 24.83 -2.50 -19.15
CA ARG B 49 26.28 -2.56 -19.22
C ARG B 49 26.77 -2.62 -17.80
N SER B 50 25.95 -2.10 -16.88
CA SER B 50 26.31 -2.10 -15.47
C SER B 50 25.08 -1.79 -14.58
N ARG B 51 25.11 -2.25 -13.34
CA ARG B 51 24.02 -2.00 -12.39
C ARG B 51 24.67 -1.72 -11.05
N ARG B 52 23.92 -1.13 -10.12
CA ARG B 52 24.48 -0.84 -8.80
C ARG B 52 23.83 -1.73 -7.76
N ILE B 53 24.67 -2.40 -6.98
CA ILE B 53 24.19 -3.32 -5.98
C ILE B 53 24.47 -2.79 -4.57
N ALA B 54 23.40 -2.75 -3.76
CA ALA B 54 23.48 -2.26 -2.41
C ALA B 54 24.32 -3.13 -1.48
N GLU B 55 25.09 -2.45 -0.63
CA GLU B 55 25.93 -3.10 0.36
C GLU B 55 25.12 -3.18 1.70
N PRO B 56 25.52 -4.08 2.59
CA PRO B 56 24.83 -4.26 3.88
C PRO B 56 24.27 -3.03 4.61
N ASP B 57 25.00 -1.91 4.58
CA ASP B 57 24.58 -0.70 5.27
C ASP B 57 23.48 0.06 4.51
N GLU B 58 23.39 -0.17 3.21
CA GLU B 58 22.38 0.49 2.37
C GLU B 58 21.01 -0.22 2.35
N THR B 59 20.39 -0.31 3.52
CA THR B 59 19.08 -0.92 3.64
C THR B 59 18.04 -0.10 2.88
N ILE B 60 16.87 -0.68 2.59
CA ILE B 60 15.90 0.15 1.87
C ILE B 60 15.48 1.39 2.68
N GLN B 61 15.56 1.33 4.02
CA GLN B 61 15.24 2.51 4.83
C GLN B 61 16.29 3.62 4.58
N VAL B 62 17.56 3.26 4.69
CA VAL B 62 18.65 4.21 4.44
C VAL B 62 18.54 4.86 3.06
N MET B 63 18.31 4.01 2.05
CA MET B 63 18.21 4.52 0.69
C MET B 63 16.98 5.40 0.51
N GLY B 64 15.86 4.98 1.13
CA GLY B 64 14.63 5.75 1.02
C GLY B 64 14.76 7.12 1.68
N VAL B 65 15.32 7.18 2.88
CA VAL B 65 15.54 8.48 3.57
C VAL B 65 16.48 9.37 2.76
N ALA B 66 17.53 8.78 2.19
CA ALA B 66 18.47 9.59 1.37
C ALA B 66 17.76 10.12 0.13
N ALA B 67 17.02 9.26 -0.57
CA ALA B 67 16.32 9.70 -1.76
C ALA B 67 15.28 10.75 -1.40
N SER B 68 14.64 10.57 -0.27
CA SER B 68 13.63 11.51 0.16
C SER B 68 14.23 12.89 0.45
N ARG B 69 15.33 12.96 1.20
CA ARG B 69 15.92 14.27 1.53
C ARG B 69 16.18 15.11 0.28
N ARG B 70 16.73 14.45 -0.74
CA ARG B 70 17.04 15.08 -1.99
C ARG B 70 15.78 15.62 -2.66
N ALA B 71 14.67 14.88 -2.50
CA ALA B 71 13.42 15.32 -3.10
C ALA B 71 12.91 16.54 -2.37
N LEU B 72 13.03 16.53 -1.05
CA LEU B 72 12.56 17.64 -0.24
C LEU B 72 13.41 18.89 -0.51
N GLU B 73 14.73 18.71 -0.63
CA GLU B 73 15.62 19.85 -0.95
C GLU B 73 15.24 20.51 -2.29
N HIS B 74 15.01 19.68 -3.33
CA HIS B 74 14.64 20.16 -4.65
C HIS B 74 13.34 20.91 -4.55
N ALA B 75 12.36 20.33 -3.86
CA ALA B 75 11.04 20.98 -3.74
C ALA B 75 11.05 22.17 -2.82
N GLY B 76 12.06 22.28 -1.96
CA GLY B 76 12.14 23.40 -1.02
C GLY B 76 11.13 23.27 0.13
N VAL B 77 10.76 22.03 0.43
CA VAL B 77 9.79 21.72 1.45
C VAL B 77 10.40 21.01 2.67
N ASP B 78 10.07 21.53 3.84
CA ASP B 78 10.58 20.92 5.07
C ASP B 78 9.77 19.71 5.48
N PRO B 79 10.42 18.72 6.11
CA PRO B 79 9.75 17.50 6.56
C PRO B 79 8.49 17.79 7.39
N ALA B 80 8.50 18.89 8.12
CA ALA B 80 7.38 19.24 8.98
C ALA B 80 6.14 19.53 8.18
N GLU B 81 6.31 19.90 6.91
CA GLU B 81 5.17 20.20 6.05
C GLU B 81 4.60 18.95 5.35
N ILE B 82 5.24 17.81 5.54
CA ILE B 82 4.76 16.61 4.88
C ILE B 82 3.58 16.00 5.65
N ASP B 83 2.48 15.80 4.96
CA ASP B 83 1.29 15.24 5.59
C ASP B 83 1.15 13.72 5.44
N LEU B 84 1.80 13.18 4.43
CA LEU B 84 1.71 11.74 4.10
C LEU B 84 3.00 11.29 3.47
N VAL B 85 3.47 10.09 3.87
CA VAL B 85 4.65 9.45 3.29
C VAL B 85 4.16 8.08 2.78
N VAL B 86 4.33 7.82 1.48
CA VAL B 86 3.94 6.56 0.84
C VAL B 86 5.22 5.91 0.32
N VAL B 87 5.53 4.73 0.84
CA VAL B 87 6.71 4.01 0.41
C VAL B 87 6.28 2.76 -0.37
N SER B 88 6.83 2.63 -1.56
CA SER B 88 6.60 1.54 -2.45
C SER B 88 7.81 0.64 -2.41
N THR B 89 7.59 -0.63 -2.12
CA THR B 89 8.68 -1.57 -2.10
C THR B 89 8.14 -2.98 -2.14
N MET B 90 8.97 -3.91 -2.61
CA MET B 90 8.59 -5.31 -2.62
C MET B 90 9.70 -6.16 -1.96
N THR B 91 10.68 -5.49 -1.38
CA THR B 91 11.77 -6.22 -0.83
C THR B 91 11.98 -5.93 0.62
N ASN B 92 10.89 -5.86 1.35
CA ASN B 92 10.96 -5.55 2.77
C ASN B 92 10.69 -6.84 3.51
N PHE B 93 11.59 -7.25 4.40
CA PHE B 93 11.43 -8.48 5.20
C PHE B 93 10.87 -8.23 6.62
N VAL B 94 10.46 -6.99 6.91
CA VAL B 94 9.90 -6.71 8.24
C VAL B 94 8.39 -6.52 8.03
N HIS B 95 7.59 -7.35 8.68
CA HIS B 95 6.13 -7.26 8.53
C HIS B 95 5.56 -5.95 9.04
N THR B 96 6.13 -5.44 10.13
CA THR B 96 5.64 -4.21 10.71
C THR B 96 6.67 -3.73 11.71
N PRO B 97 6.62 -2.45 12.07
CA PRO B 97 5.65 -1.47 11.54
C PRO B 97 6.06 -1.08 10.14
N PRO B 98 5.22 -0.26 9.43
CA PRO B 98 5.49 0.19 8.06
C PRO B 98 6.80 0.97 7.92
N LEU B 99 7.51 0.67 6.82
CA LEU B 99 8.77 1.34 6.50
C LEU B 99 8.47 2.84 6.39
N SER B 100 7.38 3.19 5.69
CA SER B 100 7.02 4.59 5.52
C SER B 100 7.00 5.39 6.86
N VAL B 101 6.64 4.74 7.99
CA VAL B 101 6.56 5.43 9.29
C VAL B 101 7.97 5.67 9.88
N ALA B 102 8.87 4.72 9.68
CA ALA B 102 10.24 4.88 10.14
C ALA B 102 10.99 5.96 9.27
N ILE B 103 10.70 5.97 7.97
CA ILE B 103 11.32 6.95 7.09
C ILE B 103 10.82 8.31 7.52
N ALA B 104 9.49 8.50 7.62
CA ALA B 104 8.91 9.77 8.06
C ALA B 104 9.57 10.27 9.39
N HIS B 105 9.64 9.38 10.35
CA HIS B 105 10.22 9.73 11.62
C HIS B 105 11.69 10.17 11.46
N GLU B 106 12.48 9.39 10.71
CA GLU B 106 13.89 9.72 10.50
C GLU B 106 14.07 11.09 9.85
N LEU B 107 13.25 11.39 8.84
CA LEU B 107 13.22 12.63 8.08
C LEU B 107 12.76 13.82 8.93
N GLY B 108 12.10 13.49 10.06
CA GLY B 108 11.68 14.68 10.78
C GLY B 108 10.20 14.98 10.58
N ALA B 109 9.57 14.15 9.71
CA ALA B 109 8.15 14.35 9.44
C ALA B 109 7.28 13.64 10.49
N ASP B 110 7.15 14.30 11.65
CA ASP B 110 6.34 13.72 12.72
C ASP B 110 4.89 14.19 12.65
N ASN B 111 4.53 14.84 11.52
CA ASN B 111 3.16 15.32 11.37
C ASN B 111 2.36 14.46 10.39
N ALA B 112 3.14 13.46 9.89
CA ALA B 112 2.70 12.70 8.75
C ALA B 112 2.14 11.36 9.16
N GLY B 113 1.35 10.81 8.26
CA GLY B 113 1.17 9.41 8.43
C GLY B 113 1.96 8.65 7.39
N GLY B 114 1.52 7.41 7.15
CA GLY B 114 2.23 6.62 6.19
C GLY B 114 1.74 5.20 6.13
N PHE B 115 1.45 4.75 4.89
CA PHE B 115 1.49 3.35 4.59
C PHE B 115 2.67 3.03 3.67
N ASP B 116 2.89 1.72 3.59
CA ASP B 116 3.74 1.15 2.53
C ASP B 116 2.80 0.60 1.48
N LEU B 117 3.32 0.44 0.30
CA LEU B 117 2.52 -0.01 -0.80
C LEU B 117 3.32 -1.11 -1.49
N SER B 118 2.64 -2.12 -1.96
CA SER B 118 3.32 -3.21 -2.63
C SER B 118 2.54 -3.53 -3.89
N ALA B 119 3.17 -3.27 -5.07
CA ALA B 119 2.58 -3.49 -6.40
C ALA B 119 3.68 -3.86 -7.45
N ALA B 120 4.77 -4.45 -7.01
CA ALA B 120 5.82 -4.78 -7.96
C ALA B 120 6.31 -3.50 -8.64
N CYS B 121 6.65 -3.60 -9.92
CA CYS B 121 7.20 -2.49 -10.70
C CYS B 121 6.25 -1.33 -10.86
N ALA B 122 4.95 -1.58 -10.83
CA ALA B 122 3.99 -0.50 -10.96
C ALA B 122 3.91 0.37 -9.65
N GLY B 123 4.57 -0.06 -8.59
CA GLY B 123 4.50 0.66 -7.33
C GLY B 123 4.64 2.19 -7.26
N PHE B 124 5.60 2.75 -7.99
CA PHE B 124 5.78 4.21 -7.91
C PHE B 124 4.66 5.00 -8.58
N CYS B 125 4.17 4.47 -9.71
CA CYS B 125 3.09 5.21 -10.35
C CYS B 125 1.79 5.07 -9.57
N HIS B 126 1.63 4.00 -8.79
CA HIS B 126 0.41 3.89 -7.94
C HIS B 126 0.58 4.91 -6.83
N ALA B 127 1.74 4.90 -6.17
CA ALA B 127 1.97 5.86 -5.08
C ALA B 127 1.78 7.30 -5.54
N LEU B 128 2.34 7.65 -6.68
CA LEU B 128 2.19 9.01 -7.24
C LEU B 128 0.72 9.42 -7.47
N SER B 129 -0.14 8.49 -7.90
CA SER B 129 -1.53 8.85 -8.15
C SER B 129 -2.28 9.02 -6.83
N ILE B 130 -1.85 8.28 -5.80
CA ILE B 130 -2.43 8.36 -4.47
C ILE B 130 -2.07 9.72 -3.89
N ALA B 131 -0.82 10.12 -4.12
CA ALA B 131 -0.34 11.41 -3.63
C ALA B 131 -1.10 12.54 -4.31
N ALA B 132 -1.28 12.41 -5.63
CA ALA B 132 -1.97 13.46 -6.40
C ALA B 132 -3.41 13.61 -5.91
N ASP B 133 -4.12 12.50 -5.81
CA ASP B 133 -5.48 12.50 -5.31
C ASP B 133 -5.55 13.09 -3.91
N ALA B 134 -4.57 12.76 -3.07
CA ALA B 134 -4.55 13.25 -1.68
C ALA B 134 -4.51 14.76 -1.61
N VAL B 135 -3.55 15.33 -2.30
CA VAL B 135 -3.40 16.74 -2.32
C VAL B 135 -4.58 17.45 -2.99
N GLU B 136 -5.04 16.92 -4.14
CA GLU B 136 -6.12 17.55 -4.87
C GLU B 136 -7.45 17.50 -4.18
N SER B 137 -7.58 16.62 -3.19
CA SER B 137 -8.82 16.47 -2.42
C SER B 137 -8.92 17.58 -1.37
N GLY B 138 -7.84 18.32 -1.21
CA GLY B 138 -7.80 19.39 -0.19
C GLY B 138 -7.44 18.84 1.21
N GLY B 139 -7.33 17.53 1.34
CA GLY B 139 -7.07 16.94 2.63
C GLY B 139 -5.63 16.92 3.04
N SER B 140 -4.74 16.94 2.06
CA SER B 140 -3.30 16.92 2.28
C SER B 140 -2.76 18.05 1.39
N ARG B 141 -1.65 18.63 1.79
CA ARG B 141 -1.10 19.72 1.02
C ARG B 141 0.24 19.28 0.38
N HIS B 142 1.08 18.55 1.14
CA HIS B 142 2.37 18.02 0.64
C HIS B 142 2.50 16.51 0.90
N VAL B 143 2.83 15.73 -0.13
CA VAL B 143 2.94 14.29 0.05
C VAL B 143 4.28 13.78 -0.48
N LEU B 144 4.90 12.92 0.30
CA LEU B 144 6.19 12.35 -0.06
C LEU B 144 5.98 10.91 -0.54
N VAL B 145 6.59 10.61 -1.66
CA VAL B 145 6.49 9.28 -2.23
C VAL B 145 7.90 8.77 -2.42
N VAL B 146 8.15 7.60 -1.86
CA VAL B 146 9.44 6.96 -1.92
C VAL B 146 9.29 5.51 -2.44
N ALA B 147 10.14 5.12 -3.39
CA ALA B 147 10.22 3.77 -3.96
C ALA B 147 11.68 3.31 -3.71
N THR B 148 11.84 2.38 -2.78
CA THR B 148 13.15 1.89 -2.36
C THR B 148 13.15 0.35 -2.48
N GLU B 149 14.08 -0.17 -3.26
CA GLU B 149 14.17 -1.61 -3.46
C GLU B 149 15.58 -2.17 -3.37
N ARG B 150 15.66 -3.38 -2.83
CA ARG B 150 16.91 -4.13 -2.80
C ARG B 150 16.57 -5.49 -3.49
N MET B 151 16.32 -5.41 -4.80
CA MET B 151 15.97 -6.60 -5.56
C MET B 151 16.98 -7.71 -5.39
N THR B 152 18.24 -7.36 -5.12
CA THR B 152 19.23 -8.40 -4.97
C THR B 152 18.89 -9.31 -3.80
N ASP B 153 18.14 -8.78 -2.84
CA ASP B 153 17.73 -9.58 -1.68
C ASP B 153 16.69 -10.63 -2.05
N VAL B 154 16.08 -10.49 -3.22
CA VAL B 154 15.02 -11.44 -3.55
C VAL B 154 15.32 -12.19 -4.85
N ILE B 155 16.62 -12.14 -5.24
CA ILE B 155 17.01 -12.82 -6.47
C ILE B 155 18.38 -13.50 -6.32
N ASP B 156 18.44 -14.76 -6.77
CA ASP B 156 19.70 -15.50 -6.69
C ASP B 156 20.72 -15.00 -7.70
N LEU B 157 21.72 -14.27 -7.19
CA LEU B 157 22.76 -13.74 -8.07
C LEU B 157 23.42 -14.86 -8.89
N ALA B 158 23.39 -16.07 -8.32
CA ALA B 158 23.99 -17.22 -8.98
C ALA B 158 23.00 -17.91 -9.93
N ASP B 159 22.01 -17.13 -10.39
CA ASP B 159 21.01 -17.69 -11.30
C ASP B 159 20.93 -16.89 -12.61
N ARG B 160 21.64 -17.42 -13.63
CA ARG B 160 21.63 -16.75 -14.92
C ARG B 160 20.21 -16.37 -15.35
N SER B 161 19.17 -16.94 -14.70
CA SER B 161 17.84 -16.55 -15.16
C SER B 161 17.69 -15.03 -15.23
N LEU B 162 17.77 -14.40 -14.04
CA LEU B 162 17.66 -12.96 -13.99
C LEU B 162 18.65 -12.35 -12.98
N SER B 163 19.83 -13.00 -12.89
CA SER B 163 20.84 -12.51 -11.96
C SER B 163 21.56 -11.28 -12.50
N PHE B 164 21.58 -11.16 -13.83
CA PHE B 164 21.90 -10.02 -14.69
C PHE B 164 20.63 -9.28 -15.15
N LEU B 165 19.94 -8.66 -14.17
CA LEU B 165 18.68 -8.01 -14.52
C LEU B 165 18.30 -6.91 -13.53
N PHE B 166 18.32 -7.26 -12.22
CA PHE B 166 17.76 -6.35 -11.25
C PHE B 166 18.86 -5.60 -10.48
N GLY B 167 18.69 -4.27 -10.38
CA GLY B 167 19.63 -3.46 -9.63
C GLY B 167 18.98 -2.90 -8.37
N ASP B 168 19.81 -2.26 -7.53
CA ASP B 168 19.27 -1.70 -6.30
C ASP B 168 19.19 -0.17 -6.37
N GLY B 169 18.40 0.45 -5.48
CA GLY B 169 18.37 1.91 -5.43
C GLY B 169 17.01 2.43 -4.98
N ALA B 170 16.91 3.77 -4.90
CA ALA B 170 15.66 4.38 -4.47
C ALA B 170 15.48 5.77 -5.09
N GLY B 171 14.20 6.05 -5.29
CA GLY B 171 13.79 7.28 -5.94
C GLY B 171 12.64 7.85 -5.14
N ALA B 172 12.54 9.18 -5.12
CA ALA B 172 11.47 9.85 -4.39
C ALA B 172 10.97 11.09 -5.14
N ALA B 173 9.75 11.47 -4.81
CA ALA B 173 9.12 12.64 -5.37
C ALA B 173 8.22 13.27 -4.33
N VAL B 174 8.15 14.59 -4.39
CA VAL B 174 7.31 15.36 -3.51
C VAL B 174 6.23 15.97 -4.38
N VAL B 175 4.95 15.81 -3.98
CA VAL B 175 3.87 16.45 -4.69
C VAL B 175 3.13 17.46 -3.80
N GLY B 176 2.78 18.61 -4.39
CA GLY B 176 2.13 19.67 -3.67
C GLY B 176 1.20 20.51 -4.52
N PRO B 177 0.69 21.62 -3.94
CA PRO B 177 -0.22 22.52 -4.65
C PRO B 177 0.29 22.98 -6.02
N SER B 178 -0.64 23.24 -6.93
CA SER B 178 -0.32 23.73 -8.28
C SER B 178 -1.55 24.53 -8.75
N ASP B 179 -1.33 25.55 -9.58
CA ASP B 179 -2.44 26.36 -10.05
C ASP B 179 -3.22 25.63 -11.13
N VAL B 180 -2.57 24.72 -11.83
CA VAL B 180 -3.22 23.99 -12.90
C VAL B 180 -2.92 22.53 -12.73
N PRO B 181 -3.74 21.64 -13.31
CA PRO B 181 -3.50 20.21 -13.18
C PRO B 181 -2.09 19.80 -13.65
N GLY B 182 -1.27 19.31 -12.72
CA GLY B 182 0.09 18.88 -13.03
C GLY B 182 0.34 17.38 -13.07
N ILE B 183 -0.69 16.61 -12.76
CA ILE B 183 -0.59 15.16 -12.80
C ILE B 183 -1.88 14.63 -13.39
N GLY B 184 -1.77 13.86 -14.46
CA GLY B 184 -2.92 13.31 -15.14
C GLY B 184 -3.52 12.11 -14.45
N PRO B 185 -4.76 11.75 -14.78
CA PRO B 185 -5.37 10.58 -14.12
C PRO B 185 -4.52 9.33 -14.32
N VAL B 186 -4.49 8.45 -13.34
CA VAL B 186 -3.74 7.24 -13.49
C VAL B 186 -4.51 6.22 -14.34
N VAL B 187 -3.78 5.31 -14.97
CA VAL B 187 -4.41 4.26 -15.75
C VAL B 187 -3.75 3.02 -15.18
N ARG B 188 -4.53 1.99 -14.87
CA ARG B 188 -4.00 0.74 -14.31
C ARG B 188 -4.83 -0.49 -14.78
N GLY B 189 -4.21 -1.67 -14.78
CA GLY B 189 -4.92 -2.86 -15.19
C GLY B 189 -4.10 -4.08 -14.86
N ILE B 190 -4.64 -5.25 -15.20
CA ILE B 190 -4.05 -6.53 -14.90
C ILE B 190 -4.29 -7.59 -16.00
N ASP B 191 -3.51 -8.66 -15.86
CA ASP B 191 -3.67 -10.05 -16.27
C ASP B 191 -3.57 -11.00 -15.08
N GLY B 192 -4.68 -11.71 -14.82
CA GLY B 192 -4.71 -12.63 -13.70
C GLY B 192 -4.03 -13.97 -14.05
N THR B 193 -3.88 -14.20 -15.37
CA THR B 193 -3.26 -15.44 -15.81
C THR B 193 -1.74 -15.34 -15.80
N GLY B 194 -1.21 -14.19 -15.34
CA GLY B 194 0.23 -13.99 -15.35
C GLY B 194 0.86 -14.49 -14.04
N LEU B 195 0.04 -14.52 -12.98
CA LEU B 195 0.54 -14.98 -11.69
C LEU B 195 1.65 -16.01 -11.87
N GLY B 196 1.61 -16.81 -12.94
CA GLY B 196 2.65 -17.79 -13.13
C GLY B 196 3.78 -17.33 -14.02
N SER B 197 3.85 -16.04 -14.27
CA SER B 197 4.90 -15.52 -15.14
C SER B 197 5.95 -14.80 -14.31
N LEU B 198 5.55 -14.30 -13.15
CA LEU B 198 6.39 -13.52 -12.24
C LEU B 198 5.97 -13.72 -10.79
N HIS B 199 6.47 -14.81 -10.19
CA HIS B 199 6.08 -15.14 -8.83
C HIS B 199 7.29 -15.36 -7.93
N MET B 200 7.02 -15.89 -6.72
CA MET B 200 8.13 -16.14 -5.81
C MET B 200 8.44 -17.64 -5.70
N SER B 201 9.74 -17.96 -5.84
CA SER B 201 10.15 -19.36 -5.71
C SER B 201 9.40 -20.05 -4.57
N SER B 202 9.10 -19.26 -3.53
CA SER B 202 8.40 -19.81 -2.37
C SER B 202 7.93 -18.69 -1.43
N SER B 203 7.12 -18.99 -0.42
CA SER B 203 6.67 -17.98 0.52
C SER B 203 7.44 -18.26 1.81
N TRP B 204 7.66 -17.24 2.61
CA TRP B 204 8.41 -17.47 3.84
C TRP B 204 7.77 -18.53 4.71
N ASP B 205 6.47 -18.74 4.50
CA ASP B 205 5.68 -19.69 5.27
C ASP B 205 6.14 -21.08 4.95
N GLN B 206 6.52 -21.29 3.69
CA GLN B 206 6.98 -22.59 3.23
C GLN B 206 8.40 -22.81 3.70
N TYR B 207 9.19 -21.75 3.58
CA TYR B 207 10.57 -21.79 4.00
C TYR B 207 10.59 -22.35 5.41
N VAL B 208 9.53 -22.11 6.18
CA VAL B 208 9.44 -22.67 7.54
C VAL B 208 8.43 -23.80 7.55
N GLU B 209 8.86 -24.99 7.20
CA GLU B 209 7.96 -26.13 7.12
C GLU B 209 8.74 -27.08 6.24
N ASP B 210 9.12 -26.70 5.08
CA ASP B 210 10.14 -27.37 4.28
C ASP B 210 11.23 -26.47 3.77
N PRO B 211 12.41 -26.50 4.41
CA PRO B 211 13.54 -25.66 3.98
C PRO B 211 13.96 -25.98 2.55
N SER B 212 13.82 -27.24 2.16
CA SER B 212 14.14 -27.68 0.81
C SER B 212 13.94 -26.57 -0.24
N VAL B 213 12.74 -25.98 -0.30
CA VAL B 213 12.47 -24.85 -1.21
C VAL B 213 12.62 -23.64 -0.32
N GLY B 214 13.85 -23.13 -0.30
CA GLY B 214 14.19 -22.18 0.77
C GLY B 214 14.12 -20.73 0.30
N ARG B 215 14.53 -19.83 1.22
CA ARG B 215 14.50 -18.41 0.89
C ARG B 215 13.79 -18.11 -0.43
N PRO B 216 12.76 -17.26 -0.35
CA PRO B 216 11.99 -16.79 -1.50
C PRO B 216 12.90 -16.08 -2.52
N ALA B 217 12.39 -15.97 -3.75
CA ALA B 217 13.15 -15.29 -4.79
C ALA B 217 12.41 -15.29 -6.14
N LEU B 218 12.51 -14.15 -6.84
CA LEU B 218 11.82 -14.04 -8.13
C LEU B 218 12.27 -15.11 -9.12
N VAL B 219 11.24 -15.58 -9.80
CA VAL B 219 11.40 -16.45 -10.93
C VAL B 219 10.46 -15.90 -11.99
N MET B 220 10.95 -15.82 -13.22
CA MET B 220 10.15 -15.28 -14.31
C MET B 220 10.18 -16.01 -15.65
N ASP B 221 9.04 -15.97 -16.33
CA ASP B 221 8.88 -16.57 -17.66
C ASP B 221 8.93 -15.32 -18.54
N GLY B 222 10.14 -14.82 -18.78
CA GLY B 222 10.33 -13.61 -19.54
C GLY B 222 9.74 -13.47 -20.92
N LYS B 223 9.29 -14.55 -21.54
CA LYS B 223 8.73 -14.45 -22.88
C LYS B 223 7.29 -13.97 -22.77
N ARG B 224 6.55 -14.63 -21.88
CA ARG B 224 5.14 -14.30 -21.66
C ARG B 224 4.94 -12.85 -21.22
N VAL B 225 5.80 -12.36 -20.34
CA VAL B 225 5.72 -11.00 -19.86
C VAL B 225 6.07 -10.00 -20.94
N PHE B 226 7.09 -10.36 -21.71
CA PHE B 226 7.55 -9.55 -22.83
C PHE B 226 6.37 -9.34 -23.78
N ARG B 227 5.65 -10.43 -24.09
CA ARG B 227 4.49 -10.36 -25.00
C ARG B 227 3.35 -9.60 -24.34
N TRP B 228 3.12 -9.82 -23.04
CA TRP B 228 2.08 -9.08 -22.32
C TRP B 228 2.44 -7.57 -22.43
N ALA B 229 3.67 -7.23 -22.06
CA ALA B 229 4.15 -5.85 -22.09
C ALA B 229 3.83 -5.21 -23.44
N VAL B 230 4.23 -5.85 -24.55
CA VAL B 230 3.92 -5.29 -25.89
C VAL B 230 2.41 -5.30 -26.19
N ALA B 231 1.69 -6.30 -25.69
CA ALA B 231 0.24 -6.41 -25.89
C ALA B 231 -0.63 -5.38 -25.12
N ASP B 232 -0.45 -5.30 -23.79
CA ASP B 232 -1.25 -4.38 -22.95
C ASP B 232 -0.62 -3.08 -22.45
N VAL B 233 0.70 -3.10 -22.21
CA VAL B 233 1.39 -1.88 -21.74
C VAL B 233 1.37 -0.74 -22.77
N VAL B 234 1.47 -1.10 -24.05
CA VAL B 234 1.47 -0.08 -25.11
C VAL B 234 0.15 0.63 -25.13
N PRO B 235 -0.96 -0.11 -25.18
CA PRO B 235 -2.28 0.55 -25.18
C PRO B 235 -2.49 1.42 -23.90
N ALA B 236 -2.10 0.86 -22.75
CA ALA B 236 -2.21 1.58 -21.48
C ALA B 236 -1.46 2.91 -21.58
N ALA B 237 -0.26 2.87 -22.17
CA ALA B 237 0.53 4.08 -22.30
C ALA B 237 -0.23 5.14 -23.11
N ARG B 238 -0.88 4.73 -24.20
CA ARG B 238 -1.63 5.67 -25.01
C ARG B 238 -2.88 6.16 -24.26
N GLU B 239 -3.45 5.29 -23.43
CA GLU B 239 -4.64 5.65 -22.65
C GLU B 239 -4.22 6.72 -21.63
N ALA B 240 -3.13 6.41 -20.93
CA ALA B 240 -2.56 7.32 -19.94
C ALA B 240 -2.41 8.69 -20.60
N LEU B 241 -2.12 8.68 -21.89
CA LEU B 241 -1.95 9.90 -22.68
C LEU B 241 -3.27 10.62 -22.97
N GLU B 242 -4.24 9.87 -23.48
CA GLU B 242 -5.55 10.43 -23.82
C GLU B 242 -6.33 10.89 -22.60
N VAL B 243 -6.34 10.08 -21.56
CA VAL B 243 -7.04 10.42 -20.34
C VAL B 243 -6.59 11.78 -19.79
N ALA B 244 -5.31 12.09 -20.03
CA ALA B 244 -4.77 13.36 -19.55
C ALA B 244 -4.95 14.46 -20.59
N GLY B 245 -5.49 14.07 -21.76
CA GLY B 245 -5.70 15.05 -22.83
C GLY B 245 -4.39 15.41 -23.51
N LEU B 246 -3.65 14.38 -23.95
CA LEU B 246 -2.35 14.66 -24.55
C LEU B 246 -2.00 13.59 -25.60
N THR B 247 -1.09 13.98 -26.51
CA THR B 247 -0.67 13.04 -27.54
C THR B 247 0.83 12.75 -27.44
N VAL B 248 1.26 11.74 -28.21
CA VAL B 248 2.68 11.40 -28.20
C VAL B 248 3.56 12.62 -28.49
N GLY B 249 3.15 13.40 -29.48
CA GLY B 249 3.92 14.57 -29.87
C GLY B 249 4.02 15.67 -28.82
N ASP B 250 3.15 15.59 -27.82
CA ASP B 250 3.14 16.57 -26.76
C ASP B 250 4.25 16.34 -25.73
N LEU B 251 4.65 15.08 -25.60
CA LEU B 251 5.65 14.72 -24.60
C LEU B 251 7.00 15.34 -24.83
N VAL B 252 7.71 15.61 -23.75
CA VAL B 252 9.06 16.16 -23.80
C VAL B 252 9.91 15.12 -23.09
N ALA B 253 9.28 13.99 -22.76
CA ALA B 253 9.97 12.87 -22.10
C ALA B 253 9.04 11.67 -21.97
N PHE B 254 9.62 10.48 -21.91
CA PHE B 254 8.86 9.23 -21.77
C PHE B 254 9.68 8.41 -20.79
N VAL B 255 9.16 8.24 -19.58
CA VAL B 255 9.91 7.51 -18.56
C VAL B 255 9.25 6.20 -18.21
N PRO B 256 9.50 5.15 -19.01
CA PRO B 256 8.92 3.82 -18.76
C PRO B 256 9.77 3.04 -17.75
N HIS B 257 9.16 2.07 -17.08
CA HIS B 257 9.90 1.27 -16.13
C HIS B 257 11.06 0.66 -16.91
N GLN B 258 12.25 0.66 -16.32
CA GLN B 258 13.46 0.14 -16.96
C GLN B 258 13.52 -1.38 -16.84
N ALA B 259 12.54 -2.04 -17.45
CA ALA B 259 12.47 -3.49 -17.43
C ALA B 259 13.55 -4.04 -18.36
N ASN B 260 13.61 -3.45 -19.55
CA ASN B 260 14.55 -3.83 -20.62
C ASN B 260 14.57 -2.81 -21.72
N LEU B 261 15.77 -2.44 -22.15
CA LEU B 261 15.93 -1.47 -23.24
C LEU B 261 15.25 -2.02 -24.50
N ARG B 262 15.28 -3.32 -24.66
CA ARG B 262 14.63 -3.93 -25.82
C ARG B 262 13.16 -3.63 -25.77
N ILE B 263 12.49 -4.04 -24.69
CA ILE B 263 11.07 -3.78 -24.54
C ILE B 263 10.89 -2.28 -24.71
N ILE B 264 11.80 -1.51 -24.13
CA ILE B 264 11.73 -0.07 -24.23
C ILE B 264 11.76 0.39 -25.67
N ASP B 265 12.59 -0.26 -26.48
CA ASP B 265 12.69 0.08 -27.91
C ASP B 265 11.33 -0.22 -28.57
N VAL B 266 10.79 -1.40 -28.23
CA VAL B 266 9.50 -1.83 -28.76
C VAL B 266 8.43 -0.85 -28.36
N LEU B 267 8.40 -0.48 -27.09
CA LEU B 267 7.40 0.48 -26.61
C LEU B 267 7.51 1.78 -27.38
N VAL B 268 8.71 2.38 -27.36
CA VAL B 268 8.95 3.63 -28.06
C VAL B 268 8.49 3.50 -29.51
N ASP B 269 8.71 2.30 -30.04
CA ASP B 269 8.33 1.96 -31.41
C ASP B 269 6.82 1.94 -31.63
N ARG B 270 6.12 0.98 -31.01
CA ARG B 270 4.67 0.86 -31.17
C ARG B 270 3.91 2.12 -30.76
N LEU B 271 4.49 2.92 -29.86
CA LEU B 271 3.84 4.14 -29.42
C LEU B 271 3.97 5.35 -30.35
N GLY B 272 4.91 5.31 -31.29
CA GLY B 272 5.09 6.43 -32.19
C GLY B 272 5.80 7.59 -31.51
N VAL B 273 6.73 7.25 -30.65
CA VAL B 273 7.48 8.26 -29.92
C VAL B 273 8.47 9.02 -30.81
N PRO B 274 8.28 10.34 -30.97
CA PRO B 274 9.14 11.19 -31.79
C PRO B 274 10.61 11.12 -31.34
N GLU B 275 11.53 11.56 -32.20
CA GLU B 275 12.95 11.52 -31.88
C GLU B 275 13.33 12.69 -31.01
N HIS B 276 12.44 13.66 -30.91
CA HIS B 276 12.73 14.84 -30.13
C HIS B 276 12.42 14.67 -28.64
N VAL B 277 11.51 13.76 -28.31
CA VAL B 277 11.14 13.52 -26.92
C VAL B 277 12.16 12.63 -26.21
N VAL B 278 12.78 13.18 -25.16
CA VAL B 278 13.79 12.45 -24.38
C VAL B 278 13.21 11.18 -23.76
N VAL B 279 13.89 10.04 -23.92
CA VAL B 279 13.43 8.76 -23.41
C VAL B 279 14.38 8.17 -22.36
N SER B 280 13.85 7.74 -21.23
CA SER B 280 14.71 7.18 -20.20
C SER B 280 15.17 5.80 -20.58
N ARG B 281 16.48 5.58 -20.46
CA ARG B 281 17.10 4.29 -20.72
C ARG B 281 18.16 4.05 -19.66
N ASP B 282 17.91 4.60 -18.46
CA ASP B 282 18.83 4.48 -17.34
C ASP B 282 19.24 3.03 -17.08
N ALA B 283 18.48 2.09 -17.62
CA ALA B 283 18.77 0.68 -17.41
C ALA B 283 20.21 0.36 -17.80
N GLU B 284 20.71 1.08 -18.79
CA GLU B 284 22.08 0.89 -19.25
C GLU B 284 23.04 0.73 -18.08
N ASP B 285 23.07 1.74 -17.20
CA ASP B 285 23.97 1.67 -16.05
C ASP B 285 23.31 1.53 -14.67
N THR B 286 21.98 1.39 -14.65
CA THR B 286 21.24 1.26 -13.39
C THR B 286 20.73 -0.15 -13.19
N GLY B 287 20.38 -0.80 -14.29
CA GLY B 287 19.84 -2.14 -14.21
C GLY B 287 18.34 -2.01 -14.07
N ASN B 288 17.71 -3.05 -13.55
CA ASN B 288 16.27 -3.03 -13.34
C ASN B 288 16.10 -2.83 -11.85
N THR B 289 15.55 -1.70 -11.41
CA THR B 289 15.35 -1.47 -9.98
C THR B 289 13.89 -1.66 -9.49
N SER B 290 13.09 -2.40 -10.26
CA SER B 290 11.73 -2.63 -9.78
C SER B 290 10.93 -1.32 -9.71
N SER B 291 10.11 -1.21 -8.64
CA SER B 291 9.30 -0.01 -8.47
C SER B 291 10.15 1.25 -8.36
N ALA B 292 11.39 1.20 -7.89
CA ALA B 292 12.27 2.37 -7.87
C ALA B 292 12.71 2.86 -9.27
N SER B 293 12.57 1.99 -10.27
CA SER B 293 13.03 2.27 -11.64
C SER B 293 12.56 3.60 -12.25
N VAL B 294 11.25 3.80 -12.29
CA VAL B 294 10.68 5.03 -12.81
C VAL B 294 11.07 6.23 -11.91
N ALA B 295 11.27 6.01 -10.61
CA ALA B 295 11.61 7.12 -9.74
C ALA B 295 13.07 7.56 -9.99
N LEU B 296 13.98 6.59 -10.00
CA LEU B 296 15.41 6.83 -10.29
C LEU B 296 15.53 7.57 -11.65
N ALA B 297 14.85 7.05 -12.68
CA ALA B 297 14.90 7.67 -13.99
C ALA B 297 14.40 9.09 -13.95
N LEU B 298 13.20 9.28 -13.40
CA LEU B 298 12.61 10.60 -13.31
C LEU B 298 13.61 11.58 -12.74
N ASP B 299 14.24 11.19 -11.63
CA ASP B 299 15.21 12.05 -10.97
C ASP B 299 16.36 12.41 -11.91
N ARG B 300 16.89 11.41 -12.61
CA ARG B 300 18.00 11.64 -13.53
C ARG B 300 17.53 12.59 -14.64
N LEU B 301 16.37 12.33 -15.22
CA LEU B 301 15.85 13.16 -16.28
C LEU B 301 15.81 14.64 -15.93
N VAL B 302 15.06 14.96 -14.88
CA VAL B 302 14.89 16.32 -14.44
C VAL B 302 16.20 17.00 -14.11
N ARG B 303 17.11 16.27 -13.47
CA ARG B 303 18.40 16.85 -13.10
C ARG B 303 19.47 16.88 -14.20
N SER B 304 19.08 16.63 -15.46
CA SER B 304 20.07 16.62 -16.54
C SER B 304 20.06 17.90 -17.37
N GLY B 305 18.90 18.52 -17.47
CA GLY B 305 18.77 19.75 -18.22
C GLY B 305 18.34 19.46 -19.64
N ALA B 306 18.28 18.18 -19.96
CA ALA B 306 17.90 17.72 -21.28
C ALA B 306 16.45 18.02 -21.55
N VAL B 307 15.73 18.44 -20.50
CA VAL B 307 14.31 18.71 -20.65
C VAL B 307 13.93 19.87 -19.76
N PRO B 308 13.05 20.77 -20.25
CA PRO B 308 12.62 21.93 -19.48
C PRO B 308 11.44 21.64 -18.55
N GLY B 309 11.21 22.54 -17.60
CA GLY B 309 10.12 22.35 -16.67
C GLY B 309 8.77 22.40 -17.37
N GLY B 310 7.70 22.21 -16.59
CA GLY B 310 6.35 22.25 -17.11
C GLY B 310 5.99 21.43 -18.35
N GLY B 311 6.95 20.70 -18.89
CA GLY B 311 6.67 19.94 -20.08
C GLY B 311 6.16 18.54 -19.79
N PRO B 312 5.11 18.09 -20.48
CA PRO B 312 4.52 16.77 -20.29
C PRO B 312 5.56 15.64 -20.32
N ALA B 313 5.36 14.65 -19.45
CA ALA B 313 6.20 13.46 -19.32
C ALA B 313 5.27 12.26 -19.08
N LEU B 314 5.53 11.15 -19.76
CA LEU B 314 4.69 9.97 -19.63
C LEU B 314 5.40 8.92 -18.81
N MET B 315 4.77 8.51 -17.70
CA MET B 315 5.37 7.48 -16.86
C MET B 315 4.52 6.24 -16.80
N ILE B 316 5.15 5.08 -16.64
CA ILE B 316 4.39 3.85 -16.59
C ILE B 316 5.24 2.68 -16.13
N GLY B 317 4.81 2.05 -15.06
CA GLY B 317 5.50 0.89 -14.53
C GLY B 317 4.65 -0.30 -14.88
N PHE B 318 5.25 -1.48 -14.94
CA PHE B 318 4.54 -2.70 -15.31
C PHE B 318 5.33 -3.96 -14.93
N GLY B 319 4.66 -5.04 -14.56
CA GLY B 319 5.40 -6.22 -14.15
C GLY B 319 4.63 -7.27 -13.36
N ALA B 320 5.20 -7.79 -12.27
CA ALA B 320 4.55 -8.83 -11.46
C ALA B 320 3.02 -8.76 -11.32
N GLY B 321 2.40 -9.95 -11.32
CA GLY B 321 0.97 -10.08 -11.21
C GLY B 321 0.44 -9.79 -12.58
N LEU B 322 1.31 -9.11 -13.30
CA LEU B 322 1.04 -8.66 -14.63
C LEU B 322 -0.01 -7.61 -14.39
N SER B 323 0.50 -6.45 -14.01
CA SER B 323 -0.32 -5.29 -13.77
C SER B 323 0.49 -4.07 -14.11
N TYR B 324 -0.17 -3.04 -14.57
CA TYR B 324 0.53 -1.83 -14.89
C TYR B 324 -0.13 -0.67 -14.16
N ALA B 325 0.54 0.47 -14.23
CA ALA B 325 0.06 1.72 -13.67
C ALA B 325 0.91 2.83 -14.25
N GLY B 326 0.25 3.86 -14.75
CA GLY B 326 1.01 4.98 -15.28
C GLY B 326 0.14 6.20 -15.42
N GLN B 327 0.79 7.36 -15.55
CA GLN B 327 0.07 8.60 -15.75
C GLN B 327 1.02 9.56 -16.46
N ALA B 328 0.45 10.64 -16.97
CA ALA B 328 1.19 11.70 -17.64
C ALA B 328 1.30 12.81 -16.58
N LEU B 329 2.43 13.52 -16.54
CA LEU B 329 2.61 14.61 -15.58
C LEU B 329 3.53 15.72 -16.06
N LEU B 330 3.32 16.91 -15.53
CA LEU B 330 4.15 18.05 -15.86
C LEU B 330 5.47 17.95 -15.08
N LEU B 331 6.59 17.91 -15.79
CA LEU B 331 7.86 17.83 -15.13
C LEU B 331 8.11 19.08 -14.30
N PRO B 332 8.87 18.94 -13.22
CA PRO B 332 9.18 20.08 -12.36
C PRO B 332 10.40 20.81 -12.96
N ASP B 333 10.68 22.01 -12.46
CA ASP B 333 11.83 22.76 -12.93
C ASP B 333 13.08 22.06 -12.41
N PRO B 334 14.16 22.08 -13.19
CA PRO B 334 15.36 21.41 -12.68
C PRO B 334 15.86 22.10 -11.40
N PRO B 335 16.55 21.37 -10.54
CA PRO B 335 17.06 21.96 -9.31
C PRO B 335 18.11 23.05 -9.53
#